data_6CVV
#
_entry.id   6CVV
#
_cell.length_a   55.480
_cell.length_b   106.920
_cell.length_c   152.780
_cell.angle_alpha   90.000
_cell.angle_beta   90.000
_cell.angle_gamma   90.000
#
_symmetry.space_group_name_H-M   'P 21 21 21'
#
loop_
_entity.id
_entity.type
_entity.pdbx_description
1 polymer 'ATP-dependent dethiobiotin synthetase BioD'
2 non-polymer "ADENOSINE-5'-TRIPHOSPHATE"
3 non-polymer 'MAGNESIUM ION'
4 water water
#
_entity_poly.entity_id   1
_entity_poly.type   'polypeptide(L)'
_entity_poly.pdbx_seq_one_letter_code
;MGHHHHHHGGTILVVTGTGTGVGKTVVCAALASAARQAGIDVAVCKPVQTGTARGDDDLAEVGRLAGVTQLAGLARYPQP
MAPAAAAEHAGMALPARDQIVRLIADLDRPGRLTLVEGAGGLLVELAEPGVTLRDVAVDVAAAALVVVTADLGTLNHTKL
TLEALAAQQVSCAGLVIGSWPDPPGLVAASNRSALARIAMVRAALPAGAASLDAGDFAAMSAAAFDRNWVAGLVG
;
_entity_poly.pdbx_strand_id   A,B,C,D
#
loop_
_chem_comp.id
_chem_comp.type
_chem_comp.name
_chem_comp.formula
ATP non-polymer ADENOSINE-5'-TRIPHOSPHATE 'C10 H16 N5 O13 P3'
MG non-polymer 'MAGNESIUM ION' 'Mg 2'
#
# COMPACT_ATOMS: atom_id res chain seq x y z
N GLY A 9 18.76 4.91 13.31
CA GLY A 9 19.80 5.14 12.32
C GLY A 9 19.31 5.91 11.10
N GLY A 10 19.87 5.59 9.94
CA GLY A 10 19.45 6.24 8.73
C GLY A 10 18.32 5.51 8.04
N THR A 11 18.44 5.43 6.71
CA THR A 11 17.46 4.75 5.86
C THR A 11 18.16 3.56 5.24
N ILE A 12 17.60 2.37 5.45
CA ILE A 12 18.09 1.11 4.87
C ILE A 12 17.11 0.67 3.79
N LEU A 13 17.63 0.41 2.59
CA LEU A 13 16.87 -0.21 1.50
C LEU A 13 17.53 -1.52 1.10
N VAL A 14 16.79 -2.61 1.16
CA VAL A 14 17.25 -3.82 0.47
C VAL A 14 16.93 -3.68 -1.00
N VAL A 15 17.82 -4.17 -1.85
CA VAL A 15 17.60 -4.13 -3.29
C VAL A 15 17.61 -5.56 -3.79
N THR A 16 16.41 -6.09 -4.03
CA THR A 16 16.16 -7.45 -4.45
C THR A 16 15.65 -7.41 -5.89
N GLY A 17 15.70 -8.57 -6.55
CA GLY A 17 15.23 -8.70 -7.92
C GLY A 17 14.11 -9.71 -8.10
N THR A 18 13.34 -9.58 -9.19
CA THR A 18 12.41 -10.63 -9.57
C THR A 18 13.11 -11.86 -10.09
N GLY A 19 14.39 -11.75 -10.43
CA GLY A 19 15.07 -12.84 -11.08
C GLY A 19 16.55 -12.80 -10.83
N THR A 20 17.20 -13.80 -11.40
CA THR A 20 18.65 -13.84 -11.53
C THR A 20 19.05 -12.92 -12.68
N GLY A 21 20.00 -12.03 -12.43
CA GLY A 21 20.54 -11.21 -13.50
C GLY A 21 19.65 -10.12 -14.09
N VAL A 22 18.83 -9.47 -13.25
CA VAL A 22 18.00 -8.39 -13.75
C VAL A 22 18.67 -7.03 -13.62
N GLY A 23 19.77 -6.94 -12.88
CA GLY A 23 20.55 -5.71 -12.81
C GLY A 23 20.61 -5.10 -11.43
N LYS A 24 20.46 -5.92 -10.37
CA LYS A 24 20.52 -5.41 -8.99
C LYS A 24 21.78 -4.57 -8.75
N THR A 25 22.95 -5.09 -9.16
CA THR A 25 24.18 -4.35 -8.90
C THR A 25 24.18 -2.99 -9.59
N VAL A 26 23.93 -2.97 -10.91
CA VAL A 26 23.93 -1.69 -11.60
C VAL A 26 22.96 -0.74 -10.94
N VAL A 27 21.80 -1.26 -10.53
CA VAL A 27 20.83 -0.40 -9.87
C VAL A 27 21.39 0.12 -8.54
N CYS A 28 22.05 -0.75 -7.75
CA CYS A 28 22.69 -0.28 -6.52
C CYS A 28 23.76 0.77 -6.83
N ALA A 29 24.55 0.56 -7.87
CA ALA A 29 25.55 1.54 -8.20
C ALA A 29 24.91 2.83 -8.70
N ALA A 30 23.83 2.72 -9.47
CA ALA A 30 23.21 3.92 -10.01
C ALA A 30 22.56 4.74 -8.91
N LEU A 31 21.75 4.10 -8.05
CA LEU A 31 21.08 4.85 -6.97
C LEU A 31 22.10 5.43 -5.99
N ALA A 32 23.16 4.68 -5.69
CA ALA A 32 24.23 5.23 -4.87
C ALA A 32 24.78 6.50 -5.51
N SER A 33 25.20 6.39 -6.78
CA SER A 33 25.74 7.55 -7.50
C SER A 33 24.78 8.74 -7.43
N ALA A 34 23.51 8.53 -7.79
CA ALA A 34 22.53 9.61 -7.69
C ALA A 34 22.40 10.14 -6.25
N ALA A 35 22.45 9.26 -5.27
CA ALA A 35 22.33 9.72 -3.89
C ALA A 35 23.59 10.46 -3.44
N ARG A 36 24.76 9.93 -3.76
CA ARG A 36 26.01 10.64 -3.47
C ARG A 36 25.98 12.03 -4.07
N GLN A 37 25.52 12.14 -5.32
CA GLN A 37 25.41 13.46 -5.93
C GLN A 37 24.52 14.39 -5.10
N ALA A 38 23.38 13.88 -4.63
CA ALA A 38 22.52 14.72 -3.77
C ALA A 38 23.11 15.04 -2.46
N GLY A 39 24.35 14.69 -2.12
CA GLY A 39 24.85 14.99 -0.80
C GLY A 39 24.54 13.97 0.27
N ILE A 40 24.06 12.79 -0.10
CA ILE A 40 23.66 11.77 0.86
C ILE A 40 24.80 10.77 1.02
N ASP A 41 25.21 10.54 2.26
CA ASP A 41 26.24 9.55 2.54
C ASP A 41 25.69 8.14 2.29
N VAL A 42 26.41 7.35 1.49
CA VAL A 42 25.91 6.06 1.00
C VAL A 42 26.85 4.94 1.44
N ALA A 43 26.25 3.81 1.82
CA ALA A 43 26.93 2.55 2.08
C ALA A 43 26.25 1.46 1.28
N VAL A 44 27.04 0.60 0.63
CA VAL A 44 26.48 -0.54 -0.10
C VAL A 44 27.00 -1.83 0.49
N CYS A 45 26.06 -2.75 0.78
CA CYS A 45 26.29 -3.97 1.56
C CYS A 45 25.80 -5.19 0.79
N LYS A 46 26.71 -6.14 0.54
CA LYS A 46 26.46 -7.40 -0.16
C LYS A 46 26.79 -8.52 0.82
N PRO A 47 25.84 -8.91 1.66
CA PRO A 47 26.14 -9.90 2.72
C PRO A 47 26.53 -11.27 2.20
N VAL A 48 26.01 -11.68 1.06
CA VAL A 48 26.25 -13.02 0.57
C VAL A 48 26.56 -12.92 -0.91
N GLN A 49 27.78 -13.26 -1.28
CA GLN A 49 28.29 -13.20 -2.64
C GLN A 49 28.58 -14.62 -3.12
N THR A 50 28.00 -15.01 -4.26
CA THR A 50 28.37 -16.29 -4.85
C THR A 50 29.27 -16.04 -6.06
N GLY A 51 29.65 -17.12 -6.72
CA GLY A 51 30.33 -17.03 -8.00
C GLY A 51 31.66 -16.33 -7.97
N THR A 52 32.33 -16.31 -6.80
CA THR A 52 33.60 -15.61 -6.72
C THR A 52 34.68 -16.30 -7.55
N ALA A 53 34.57 -17.62 -7.76
CA ALA A 53 35.58 -18.24 -8.60
C ALA A 53 35.34 -17.94 -10.08
N ARG A 54 34.24 -17.28 -10.41
CA ARG A 54 34.01 -16.78 -11.76
C ARG A 54 34.46 -15.33 -11.89
N GLY A 55 34.97 -14.75 -10.81
CA GLY A 55 35.26 -13.33 -10.78
C GLY A 55 34.11 -12.45 -10.31
N ASP A 56 32.99 -13.05 -9.92
CA ASP A 56 31.83 -12.25 -9.50
C ASP A 56 32.19 -11.45 -8.26
N ASP A 57 31.92 -10.16 -8.30
CA ASP A 57 32.17 -9.33 -7.12
C ASP A 57 31.36 -8.05 -7.26
N ASP A 58 30.10 -8.11 -6.80
CA ASP A 58 29.15 -6.99 -6.96
C ASP A 58 29.63 -5.72 -6.25
N LEU A 59 30.27 -5.86 -5.10
CA LEU A 59 30.78 -4.67 -4.40
C LEU A 59 31.83 -3.96 -5.24
N ALA A 60 32.80 -4.70 -5.78
CA ALA A 60 33.82 -4.12 -6.64
C ALA A 60 33.20 -3.36 -7.80
N GLU A 61 32.31 -4.00 -8.55
CA GLU A 61 31.64 -3.34 -9.66
C GLU A 61 30.95 -2.04 -9.22
N VAL A 62 30.35 -2.03 -8.04
CA VAL A 62 29.69 -0.82 -7.54
C VAL A 62 30.69 0.30 -7.33
N GLY A 63 31.90 -0.04 -6.86
CA GLY A 63 32.96 0.95 -6.78
C GLY A 63 33.46 1.34 -8.16
N ARG A 64 33.71 0.34 -9.02
N ARG A 64 33.70 0.34 -9.02
CA ARG A 64 34.09 0.61 -10.40
CA ARG A 64 34.10 0.60 -10.40
C ARG A 64 33.18 1.64 -11.04
C ARG A 64 33.17 1.59 -11.10
N LEU A 65 31.87 1.54 -10.80
CA LEU A 65 30.90 2.35 -11.52
C LEU A 65 30.53 3.64 -10.79
N ALA A 66 30.25 3.55 -9.49
CA ALA A 66 29.76 4.70 -8.74
C ALA A 66 30.79 5.28 -7.78
N GLY A 67 32.01 4.75 -7.76
CA GLY A 67 33.04 5.29 -6.88
C GLY A 67 32.69 5.25 -5.41
N VAL A 68 31.73 4.42 -5.01
CA VAL A 68 31.47 4.22 -3.59
C VAL A 68 32.66 3.53 -2.96
N THR A 69 33.04 3.97 -1.76
CA THR A 69 34.09 3.28 -1.01
C THR A 69 33.57 2.60 0.25
N GLN A 70 32.42 2.99 0.76
CA GLN A 70 31.90 2.37 1.98
C GLN A 70 31.14 1.11 1.57
N LEU A 71 31.93 0.06 1.28
CA LEU A 71 31.49 -1.27 0.86
C LEU A 71 31.70 -2.29 1.98
N ALA A 72 30.82 -3.29 2.07
CA ALA A 72 30.82 -4.22 3.19
C ALA A 72 30.27 -5.57 2.76
N GLY A 73 31.17 -6.54 2.58
CA GLY A 73 30.80 -7.93 2.37
C GLY A 73 30.80 -8.75 3.65
N LEU A 74 30.67 -10.06 3.47
CA LEU A 74 30.54 -10.96 4.60
C LEU A 74 30.83 -12.41 4.20
N ALA A 75 30.04 -12.97 3.30
CA ALA A 75 30.21 -14.35 2.83
C ALA A 75 30.56 -14.35 1.35
N ARG A 76 31.50 -15.22 0.98
CA ARG A 76 31.95 -15.36 -0.40
C ARG A 76 32.11 -16.83 -0.74
N TYR A 77 31.46 -17.27 -1.84
CA TYR A 77 31.44 -18.66 -2.24
C TYR A 77 31.91 -18.82 -3.68
N PRO A 78 32.77 -19.80 -3.95
CA PRO A 78 33.40 -19.84 -5.29
C PRO A 78 32.41 -20.01 -6.43
N GLN A 79 31.39 -20.93 -6.28
CA GLN A 79 30.49 -21.45 -7.32
C GLN A 79 29.42 -20.43 -7.71
N PRO A 80 29.06 -20.37 -8.99
CA PRO A 80 27.92 -19.58 -9.44
C PRO A 80 26.60 -20.32 -9.23
N MET A 81 26.25 -20.56 -7.98
CA MET A 81 25.05 -21.29 -7.60
C MET A 81 24.31 -20.46 -6.57
N ALA A 82 23.11 -20.92 -6.22
CA ALA A 82 22.39 -20.30 -5.14
C ALA A 82 23.24 -20.37 -3.87
N PRO A 83 23.11 -19.38 -2.96
CA PRO A 83 23.96 -19.36 -1.76
C PRO A 83 23.98 -20.67 -0.99
N ALA A 84 22.82 -21.32 -0.83
CA ALA A 84 22.80 -22.57 -0.08
C ALA A 84 23.65 -23.63 -0.77
N ALA A 85 23.52 -23.75 -2.09
CA ALA A 85 24.24 -24.79 -2.80
C ALA A 85 25.71 -24.43 -2.99
N ALA A 86 26.00 -23.16 -3.28
CA ALA A 86 27.40 -22.76 -3.38
C ALA A 86 28.13 -23.03 -2.07
N ALA A 87 27.48 -22.80 -0.93
CA ALA A 87 28.11 -23.10 0.35
C ALA A 87 28.41 -24.58 0.46
N GLU A 88 27.37 -25.43 0.33
CA GLU A 88 27.58 -26.88 0.43
C GLU A 88 28.71 -27.32 -0.46
N HIS A 89 28.67 -26.93 -1.73
CA HIS A 89 29.71 -27.34 -2.66
C HIS A 89 31.11 -26.95 -2.19
N ALA A 90 31.22 -25.95 -1.31
CA ALA A 90 32.50 -25.47 -0.84
C ALA A 90 32.74 -25.83 0.63
N GLY A 91 32.09 -26.88 1.13
CA GLY A 91 32.17 -27.21 2.54
C GLY A 91 32.13 -26.01 3.48
N MET A 92 31.13 -25.13 3.31
CA MET A 92 30.96 -23.96 4.16
C MET A 92 29.51 -23.87 4.62
N ALA A 93 29.28 -23.07 5.64
CA ALA A 93 27.94 -22.76 6.13
C ALA A 93 27.50 -21.44 5.57
N LEU A 94 26.20 -21.19 5.61
CA LEU A 94 25.77 -19.84 5.33
C LEU A 94 26.04 -18.97 6.56
N PRO A 95 26.09 -17.65 6.43
CA PRO A 95 26.26 -16.83 7.63
C PRO A 95 25.03 -17.01 8.51
N ALA A 96 25.13 -16.50 9.73
CA ALA A 96 23.98 -16.49 10.62
C ALA A 96 23.16 -15.23 10.36
N ARG A 97 21.89 -15.26 10.78
CA ARG A 97 21.01 -14.07 10.78
C ARG A 97 21.73 -12.86 11.38
N ASP A 98 21.92 -12.87 12.70
CA ASP A 98 22.49 -11.68 13.34
C ASP A 98 23.91 -11.41 12.86
N GLN A 99 24.58 -12.35 12.22
CA GLN A 99 25.78 -11.96 11.49
C GLN A 99 25.42 -11.03 10.34
N ILE A 100 24.40 -11.37 9.54
CA ILE A 100 23.98 -10.47 8.47
C ILE A 100 23.40 -9.18 9.05
N VAL A 101 22.51 -9.31 10.04
CA VAL A 101 21.85 -8.13 10.59
C VAL A 101 22.84 -7.21 11.31
N ARG A 102 23.81 -7.78 12.06
CA ARG A 102 24.86 -6.94 12.66
C ARG A 102 25.62 -6.17 11.58
N LEU A 103 25.84 -6.80 10.43
CA LEU A 103 26.54 -6.13 9.35
C LEU A 103 25.82 -4.85 8.95
N ILE A 104 24.49 -4.93 8.76
CA ILE A 104 23.73 -3.78 8.29
C ILE A 104 23.53 -2.75 9.41
N ALA A 105 23.19 -3.23 10.61
CA ALA A 105 22.98 -2.33 11.75
C ALA A 105 24.23 -1.51 12.03
N ASP A 106 25.40 -2.13 11.93
CA ASP A 106 26.64 -1.38 12.12
C ASP A 106 26.75 -0.24 11.13
N LEU A 107 26.36 -0.49 9.88
CA LEU A 107 26.41 0.54 8.84
C LEU A 107 25.37 1.64 9.07
N ASP A 108 24.16 1.27 9.51
CA ASP A 108 23.09 2.26 9.66
C ASP A 108 23.52 3.39 10.58
N ARG A 109 23.26 4.62 10.13
CA ARG A 109 23.63 5.84 10.83
C ARG A 109 22.73 6.93 10.27
N PRO A 110 22.23 7.84 11.10
CA PRO A 110 21.41 8.95 10.59
C PRO A 110 22.10 9.69 9.45
N GLY A 111 21.30 10.16 8.50
CA GLY A 111 21.80 10.81 7.32
C GLY A 111 22.39 9.88 6.27
N ARG A 112 22.46 8.58 6.52
CA ARG A 112 23.09 7.67 5.57
C ARG A 112 22.02 6.86 4.85
N LEU A 113 22.23 6.62 3.57
CA LEU A 113 21.42 5.68 2.81
C LEU A 113 22.24 4.41 2.70
N THR A 114 21.76 3.35 3.35
CA THR A 114 22.42 2.05 3.35
C THR A 114 21.64 1.15 2.40
N LEU A 115 22.28 0.74 1.31
CA LEU A 115 21.73 -0.19 0.33
C LEU A 115 22.23 -1.60 0.62
N VAL A 116 21.31 -2.56 0.72
CA VAL A 116 21.65 -3.97 0.95
C VAL A 116 21.26 -4.77 -0.26
N GLU A 117 22.24 -5.33 -0.99
CA GLU A 117 21.96 -6.12 -2.20
C GLU A 117 21.80 -7.60 -1.89
N GLY A 118 20.66 -8.16 -2.26
CA GLY A 118 20.40 -9.57 -2.01
C GLY A 118 21.27 -10.46 -2.90
N ALA A 119 20.95 -11.75 -2.87
CA ALA A 119 21.66 -12.73 -3.69
C ALA A 119 20.64 -13.56 -4.45
N GLY A 120 20.29 -13.12 -5.66
CA GLY A 120 19.18 -13.70 -6.40
C GLY A 120 17.87 -13.01 -6.03
N GLY A 121 16.75 -13.73 -6.07
CA GLY A 121 15.46 -13.14 -5.79
C GLY A 121 15.15 -13.04 -4.31
N LEU A 122 13.94 -12.54 -4.01
CA LEU A 122 13.59 -12.18 -2.65
C LEU A 122 13.61 -13.38 -1.71
N LEU A 123 13.19 -14.56 -2.18
CA LEU A 123 13.07 -15.68 -1.26
C LEU A 123 14.26 -16.64 -1.31
N VAL A 124 15.37 -16.27 -1.95
CA VAL A 124 16.59 -17.07 -1.89
C VAL A 124 17.08 -17.15 -0.43
N GLU A 125 17.52 -18.34 -0.02
CA GLU A 125 18.02 -18.49 1.34
C GLU A 125 19.39 -17.81 1.56
N LEU A 126 19.44 -16.92 2.53
CA LEU A 126 20.68 -16.21 2.83
C LEU A 126 21.38 -16.75 4.06
N ALA A 127 20.64 -17.26 5.03
CA ALA A 127 21.23 -17.72 6.28
C ALA A 127 20.48 -18.95 6.76
N GLU A 128 21.10 -19.67 7.69
CA GLU A 128 20.33 -20.86 8.05
C GLU A 128 19.42 -20.54 9.22
N PRO A 129 18.17 -21.05 9.26
CA PRO A 129 17.44 -21.90 8.32
C PRO A 129 16.35 -21.18 7.54
N GLY A 130 16.39 -21.27 6.21
CA GLY A 130 15.40 -20.61 5.39
C GLY A 130 15.31 -19.11 5.57
N VAL A 131 16.31 -18.50 6.20
CA VAL A 131 16.32 -17.05 6.37
C VAL A 131 16.50 -16.38 5.03
N THR A 132 15.56 -15.51 4.65
CA THR A 132 15.60 -14.82 3.38
C THR A 132 15.95 -13.36 3.57
N LEU A 133 16.12 -12.69 2.43
CA LEU A 133 16.27 -11.23 2.42
C LEU A 133 15.04 -10.54 3.00
N ARG A 134 13.85 -11.12 2.82
CA ARG A 134 12.65 -10.49 3.36
C ARG A 134 12.71 -10.46 4.89
N ASP A 135 13.05 -11.61 5.51
CA ASP A 135 13.23 -11.67 6.96
C ASP A 135 14.24 -10.65 7.46
N VAL A 136 15.25 -10.35 6.65
CA VAL A 136 16.27 -9.39 7.04
C VAL A 136 15.72 -7.95 6.99
N ALA A 137 15.01 -7.61 5.92
CA ALA A 137 14.35 -6.31 5.83
C ALA A 137 13.39 -6.08 6.98
N VAL A 138 12.67 -7.12 7.41
CA VAL A 138 11.80 -7.00 8.57
C VAL A 138 12.63 -6.60 9.81
N ASP A 139 13.76 -7.29 10.01
CA ASP A 139 14.54 -7.11 11.22
C ASP A 139 15.17 -5.73 11.28
N VAL A 140 15.67 -5.22 10.15
CA VAL A 140 16.30 -3.91 10.16
C VAL A 140 15.33 -2.82 9.75
N ALA A 141 14.03 -3.13 9.69
CA ALA A 141 13.00 -2.14 9.35
C ALA A 141 13.23 -1.52 7.97
N ALA A 142 13.57 -2.33 6.98
CA ALA A 142 13.94 -1.80 5.68
C ALA A 142 12.79 -1.91 4.69
N ALA A 143 12.77 -0.99 3.73
CA ALA A 143 11.87 -1.15 2.59
C ALA A 143 12.62 -1.87 1.48
N ALA A 144 11.89 -2.31 0.45
CA ALA A 144 12.52 -3.06 -0.62
C ALA A 144 12.32 -2.32 -1.94
N LEU A 145 13.44 -1.99 -2.60
CA LEU A 145 13.43 -1.57 -4.00
C LEU A 145 13.58 -2.81 -4.88
N VAL A 146 12.69 -2.97 -5.87
CA VAL A 146 12.59 -4.22 -6.63
C VAL A 146 13.07 -3.97 -8.05
N VAL A 147 14.03 -4.75 -8.47
CA VAL A 147 14.58 -4.59 -9.79
C VAL A 147 13.96 -5.63 -10.71
N VAL A 148 13.39 -5.14 -11.81
CA VAL A 148 12.62 -5.94 -12.75
C VAL A 148 13.25 -5.83 -14.14
N THR A 149 12.74 -6.66 -15.06
CA THR A 149 12.98 -6.56 -16.50
C THR A 149 11.70 -6.10 -17.18
N ALA A 150 11.83 -5.70 -18.45
CA ALA A 150 10.67 -5.36 -19.26
C ALA A 150 10.22 -6.53 -20.13
N ASP A 151 11.04 -7.57 -20.22
CA ASP A 151 10.71 -8.76 -21.01
C ASP A 151 9.44 -9.41 -20.47
N LEU A 152 8.76 -10.13 -21.35
CA LEU A 152 7.51 -10.74 -20.93
C LEU A 152 7.79 -11.80 -19.88
N GLY A 153 6.83 -11.99 -18.98
CA GLY A 153 7.03 -12.74 -17.77
C GLY A 153 7.31 -11.89 -16.55
N THR A 154 7.49 -10.57 -16.73
CA THR A 154 7.85 -9.68 -15.62
C THR A 154 6.65 -9.36 -14.73
N LEU A 155 5.45 -9.31 -15.30
CA LEU A 155 4.33 -8.83 -14.50
C LEU A 155 3.99 -9.85 -13.43
N ASN A 156 4.01 -11.13 -13.80
CA ASN A 156 3.86 -12.22 -12.83
C ASN A 156 4.99 -12.23 -11.81
N HIS A 157 6.24 -12.13 -12.28
CA HIS A 157 7.40 -12.13 -11.40
C HIS A 157 7.38 -10.96 -10.43
N THR A 158 6.99 -9.78 -10.93
CA THR A 158 6.84 -8.61 -10.08
C THR A 158 5.62 -8.73 -9.17
N LYS A 159 4.55 -9.36 -9.64
CA LYS A 159 3.42 -9.49 -8.75
C LYS A 159 3.69 -10.52 -7.66
N LEU A 160 4.42 -11.59 -7.99
CA LEU A 160 4.73 -12.58 -6.95
C LEU A 160 5.60 -11.96 -5.88
N THR A 161 6.49 -11.07 -6.30
CA THR A 161 7.46 -10.47 -5.40
C THR A 161 6.78 -9.45 -4.49
N LEU A 162 5.96 -8.58 -5.05
CA LEU A 162 5.23 -7.63 -4.22
C LEU A 162 4.34 -8.37 -3.23
N GLU A 163 3.64 -9.41 -3.68
CA GLU A 163 2.81 -10.16 -2.72
C GLU A 163 3.65 -10.67 -1.57
N ALA A 164 4.82 -11.24 -1.89
CA ALA A 164 5.66 -11.79 -0.81
C ALA A 164 6.12 -10.69 0.13
N LEU A 165 6.47 -9.52 -0.41
CA LEU A 165 6.82 -8.37 0.42
C LEU A 165 5.66 -7.98 1.35
N ALA A 166 4.45 -7.81 0.79
CA ALA A 166 3.32 -7.37 1.60
C ALA A 166 2.99 -8.38 2.69
N ALA A 167 3.12 -9.68 2.40
CA ALA A 167 2.82 -10.73 3.37
C ALA A 167 3.59 -10.58 4.69
N GLN A 168 4.73 -9.88 4.69
CA GLN A 168 5.50 -9.60 5.90
C GLN A 168 5.56 -8.11 6.19
N GLN A 169 4.71 -7.32 5.54
CA GLN A 169 4.63 -5.88 5.79
C GLN A 169 5.95 -5.17 5.49
N VAL A 170 6.65 -5.58 4.44
CA VAL A 170 7.81 -4.83 3.96
C VAL A 170 7.34 -3.88 2.87
N SER A 171 7.55 -2.59 3.10
CA SER A 171 7.06 -1.60 2.15
C SER A 171 7.87 -1.59 0.86
N CYS A 172 7.18 -1.48 -0.27
CA CYS A 172 7.84 -1.41 -1.57
C CYS A 172 8.26 0.02 -1.87
N ALA A 173 9.56 0.24 -2.02
CA ALA A 173 10.04 1.58 -2.35
C ALA A 173 9.88 1.89 -3.82
N GLY A 174 9.42 0.93 -4.62
CA GLY A 174 9.30 1.11 -6.04
C GLY A 174 10.09 0.10 -6.84
N LEU A 175 9.97 0.25 -8.15
CA LEU A 175 10.59 -0.63 -9.10
C LEU A 175 11.71 0.11 -9.79
N VAL A 176 12.63 -0.67 -10.37
CA VAL A 176 13.64 -0.16 -11.26
C VAL A 176 13.79 -1.18 -12.39
N ILE A 177 13.51 -0.75 -13.61
CA ILE A 177 13.83 -1.60 -14.75
C ILE A 177 15.34 -1.59 -14.90
N GLY A 178 15.98 -2.74 -14.71
CA GLY A 178 17.43 -2.77 -14.66
C GLY A 178 18.10 -2.52 -16.01
N SER A 179 17.48 -2.98 -17.10
CA SER A 179 17.97 -2.74 -18.45
C SER A 179 16.81 -2.32 -19.31
N TRP A 180 16.95 -1.19 -20.01
CA TRP A 180 15.87 -0.65 -20.83
C TRP A 180 16.39 -0.34 -22.23
N PRO A 181 15.80 -0.92 -23.27
CA PRO A 181 16.41 -0.87 -24.61
C PRO A 181 15.94 0.32 -25.43
N ASP A 182 16.88 0.96 -26.11
CA ASP A 182 16.51 2.07 -26.98
C ASP A 182 16.76 1.68 -28.43
N PRO A 183 15.70 1.60 -29.26
CA PRO A 183 14.33 1.93 -28.90
C PRO A 183 13.62 0.73 -28.26
N PRO A 184 12.48 0.95 -27.62
CA PRO A 184 11.79 -0.14 -26.92
C PRO A 184 10.78 -0.87 -27.81
N GLY A 185 10.79 -2.19 -27.71
CA GLY A 185 9.82 -2.98 -28.43
C GLY A 185 8.40 -2.81 -27.93
N LEU A 186 7.49 -3.44 -28.66
CA LEU A 186 6.08 -3.33 -28.32
C LEU A 186 5.78 -4.07 -27.02
N VAL A 187 6.46 -5.21 -26.78
CA VAL A 187 6.29 -5.94 -25.53
C VAL A 187 6.86 -5.13 -24.37
N ALA A 188 8.07 -4.58 -24.56
CA ALA A 188 8.72 -3.79 -23.53
C ALA A 188 7.85 -2.62 -23.12
N ALA A 189 7.51 -1.75 -24.07
CA ALA A 189 6.70 -0.58 -23.76
C ALA A 189 5.43 -0.98 -23.04
N SER A 190 4.74 -2.01 -23.55
CA SER A 190 3.48 -2.42 -22.94
C SER A 190 3.69 -2.86 -21.50
N ASN A 191 4.76 -3.61 -21.25
CA ASN A 191 5.03 -4.12 -19.91
C ASN A 191 5.39 -2.98 -18.96
N ARG A 192 6.31 -2.10 -19.38
CA ARG A 192 6.61 -0.90 -18.62
C ARG A 192 5.35 -0.17 -18.22
N SER A 193 4.49 0.12 -19.19
N SER A 193 4.48 0.12 -19.19
CA SER A 193 3.26 0.85 -18.88
CA SER A 193 3.26 0.85 -18.88
C SER A 193 2.44 0.12 -17.82
C SER A 193 2.44 0.12 -17.82
N ALA A 194 2.36 -1.21 -17.94
CA ALA A 194 1.62 -1.99 -16.97
C ALA A 194 2.35 -2.07 -15.65
N LEU A 195 3.69 -2.09 -15.68
CA LEU A 195 4.48 -2.10 -14.45
C LEU A 195 4.20 -0.83 -13.65
N ALA A 196 4.22 0.32 -14.33
CA ALA A 196 3.86 1.58 -13.67
C ALA A 196 2.48 1.54 -13.00
N ARG A 197 1.55 0.72 -13.51
CA ARG A 197 0.24 0.61 -12.86
C ARG A 197 0.26 -0.29 -11.63
N ILE A 198 1.31 -1.12 -11.48
CA ILE A 198 1.45 -1.98 -10.31
C ILE A 198 2.10 -1.25 -9.16
N ALA A 199 3.08 -0.39 -9.47
CA ALA A 199 3.86 0.34 -8.48
C ALA A 199 4.59 1.47 -9.18
N MET A 200 5.32 2.28 -8.40
CA MET A 200 6.04 3.41 -8.96
C MET A 200 7.32 2.90 -9.63
N VAL A 201 7.58 3.35 -10.85
CA VAL A 201 8.76 2.94 -11.60
C VAL A 201 9.83 4.01 -11.37
N ARG A 202 10.63 3.81 -10.32
CA ARG A 202 11.58 4.83 -9.90
C ARG A 202 12.58 5.17 -10.97
N ALA A 203 12.77 4.32 -11.97
CA ALA A 203 13.85 4.49 -12.93
C ALA A 203 13.80 3.34 -13.91
N ALA A 204 14.59 3.48 -14.98
CA ALA A 204 14.74 2.46 -16.01
C ALA A 204 16.12 2.71 -16.62
N LEU A 205 17.11 1.99 -16.14
CA LEU A 205 18.47 2.28 -16.56
C LEU A 205 18.65 1.90 -18.02
N PRO A 206 19.21 2.78 -18.85
CA PRO A 206 19.43 2.41 -20.25
C PRO A 206 20.36 1.22 -20.36
N ALA A 207 20.05 0.34 -21.31
CA ALA A 207 20.88 -0.81 -21.59
C ALA A 207 22.34 -0.40 -21.75
N GLY A 208 23.25 -1.27 -21.31
CA GLY A 208 24.69 -1.01 -21.39
C GLY A 208 25.24 -0.04 -20.35
N ALA A 209 24.43 0.37 -19.36
CA ALA A 209 24.92 1.27 -18.34
C ALA A 209 26.12 0.69 -17.59
N ALA A 210 26.23 -0.63 -17.53
CA ALA A 210 27.34 -1.24 -16.78
C ALA A 210 28.68 -1.01 -17.47
N SER A 211 28.66 -0.80 -18.79
N SER A 211 28.66 -0.81 -18.79
CA SER A 211 29.87 -0.53 -19.55
CA SER A 211 29.90 -0.54 -19.51
C SER A 211 30.32 0.93 -19.47
C SER A 211 30.34 0.92 -19.41
N LEU A 212 29.43 1.83 -19.04
CA LEU A 212 29.80 3.23 -18.88
C LEU A 212 31.00 3.39 -17.95
N ASP A 213 31.76 4.47 -18.16
CA ASP A 213 32.86 4.81 -17.28
C ASP A 213 32.33 5.67 -16.13
N ALA A 214 33.24 6.11 -15.26
CA ALA A 214 32.84 6.87 -14.09
C ALA A 214 31.97 8.06 -14.48
N GLY A 215 32.44 8.84 -15.44
CA GLY A 215 31.75 10.06 -15.83
C GLY A 215 30.36 9.85 -16.37
N ASP A 216 30.25 9.04 -17.43
CA ASP A 216 28.93 8.84 -18.03
C ASP A 216 27.97 8.16 -17.07
N PHE A 217 28.47 7.18 -16.31
CA PHE A 217 27.59 6.46 -15.40
C PHE A 217 27.00 7.39 -14.34
N ALA A 218 27.80 8.35 -13.88
CA ALA A 218 27.31 9.30 -12.90
C ALA A 218 26.21 10.18 -13.49
N ALA A 219 26.38 10.58 -14.75
CA ALA A 219 25.38 11.46 -15.36
C ALA A 219 24.12 10.69 -15.69
N MET A 220 24.29 9.49 -16.27
CA MET A 220 23.18 8.57 -16.43
C MET A 220 22.41 8.42 -15.13
N SER A 221 23.14 8.27 -14.01
CA SER A 221 22.49 7.99 -12.74
C SER A 221 21.68 9.20 -12.27
N ALA A 222 22.24 10.40 -12.39
CA ALA A 222 21.49 11.58 -11.93
C ALA A 222 20.19 11.77 -12.69
N ALA A 223 20.17 11.44 -13.98
CA ALA A 223 18.96 11.58 -14.77
C ALA A 223 18.10 10.32 -14.77
N ALA A 224 18.66 9.17 -14.38
CA ALA A 224 17.85 7.96 -14.27
C ALA A 224 16.75 8.09 -13.23
N PHE A 225 17.02 8.82 -12.15
CA PHE A 225 16.17 8.87 -10.96
C PHE A 225 15.58 10.27 -10.79
N ASP A 226 14.44 10.33 -10.11
CA ASP A 226 13.85 11.62 -9.74
C ASP A 226 14.61 12.18 -8.55
N ARG A 227 15.19 13.38 -8.72
CA ARG A 227 15.98 13.98 -7.66
C ARG A 227 15.16 14.22 -6.40
N ASN A 228 13.88 14.57 -6.54
CA ASN A 228 13.04 14.73 -5.35
C ASN A 228 12.85 13.41 -4.63
N TRP A 229 12.64 12.31 -5.36
CA TRP A 229 12.52 11.02 -4.70
C TRP A 229 13.82 10.63 -4.03
N VAL A 230 14.95 10.83 -4.74
CA VAL A 230 16.23 10.45 -4.15
C VAL A 230 16.50 11.30 -2.93
N ALA A 231 16.21 12.60 -3.01
CA ALA A 231 16.38 13.49 -1.85
C ALA A 231 15.60 12.99 -0.66
N GLY A 232 14.37 12.52 -0.89
CA GLY A 232 13.46 12.24 0.21
C GLY A 232 13.71 10.94 0.91
N LEU A 233 14.57 10.09 0.35
CA LEU A 233 14.88 8.81 1.00
C LEU A 233 15.54 8.96 2.37
N VAL A 234 16.31 9.99 2.56
CA VAL A 234 17.02 10.20 3.81
C VAL A 234 16.66 11.55 4.40
N GLY A 235 16.01 11.56 5.55
CA GLY A 235 15.64 12.76 6.29
C GLY A 235 16.76 13.33 7.14
N GLY B 9 -19.04 -34.32 -9.99
CA GLY B 9 -17.74 -33.66 -9.96
C GLY B 9 -16.56 -34.60 -10.20
N GLY B 10 -15.52 -34.08 -10.85
CA GLY B 10 -14.27 -34.78 -11.08
C GLY B 10 -13.09 -34.00 -10.54
N THR B 11 -11.96 -34.13 -11.23
CA THR B 11 -10.71 -33.53 -10.80
C THR B 11 -10.25 -32.50 -11.83
N ILE B 12 -10.31 -31.22 -11.43
CA ILE B 12 -9.71 -30.14 -12.19
C ILE B 12 -8.35 -29.82 -11.58
N LEU B 13 -7.36 -29.62 -12.43
CA LEU B 13 -6.10 -29.04 -12.03
C LEU B 13 -5.88 -27.83 -12.91
N VAL B 14 -5.36 -26.72 -12.33
CA VAL B 14 -4.72 -25.69 -13.14
C VAL B 14 -3.28 -26.09 -13.32
N VAL B 15 -2.75 -25.92 -14.53
CA VAL B 15 -1.34 -26.06 -14.80
C VAL B 15 -0.79 -24.66 -15.03
N THR B 16 0.10 -24.21 -14.15
CA THR B 16 0.71 -22.88 -14.25
C THR B 16 2.22 -22.99 -14.28
N GLY B 17 2.87 -21.93 -14.75
CA GLY B 17 4.31 -21.93 -14.90
C GLY B 17 4.95 -20.83 -14.09
N THR B 18 6.14 -21.11 -13.56
CA THR B 18 6.95 -20.13 -12.87
C THR B 18 7.49 -19.03 -13.78
N GLY B 19 7.61 -19.28 -15.08
CA GLY B 19 8.18 -18.26 -15.94
C GLY B 19 7.74 -18.46 -17.37
N THR B 20 8.06 -17.47 -18.19
CA THR B 20 7.94 -17.57 -19.63
C THR B 20 8.66 -18.81 -20.14
N GLY B 21 7.98 -19.58 -20.98
CA GLY B 21 8.63 -20.68 -21.67
C GLY B 21 9.31 -21.73 -20.81
N VAL B 22 8.57 -22.26 -19.83
CA VAL B 22 9.09 -23.32 -18.96
C VAL B 22 8.58 -24.68 -19.38
N GLY B 23 7.73 -24.75 -20.41
CA GLY B 23 7.14 -25.99 -20.87
C GLY B 23 5.83 -26.39 -20.23
N LYS B 24 4.90 -25.46 -19.96
CA LYS B 24 3.67 -25.94 -19.36
C LYS B 24 2.80 -26.68 -20.37
N THR B 25 2.86 -26.32 -21.66
CA THR B 25 2.04 -27.06 -22.64
C THR B 25 2.47 -28.51 -22.70
N VAL B 26 3.76 -28.74 -22.96
CA VAL B 26 4.29 -30.09 -23.02
C VAL B 26 3.99 -30.85 -21.73
N VAL B 27 3.81 -30.15 -20.60
CA VAL B 27 3.49 -30.82 -19.34
C VAL B 27 2.02 -31.22 -19.28
N CYS B 28 1.12 -30.36 -19.77
CA CYS B 28 -0.28 -30.73 -19.90
C CYS B 28 -0.41 -31.92 -20.84
N ALA B 29 0.18 -31.78 -22.05
CA ALA B 29 0.32 -32.91 -22.96
C ALA B 29 0.76 -34.17 -22.21
N ALA B 30 1.92 -34.09 -21.56
CA ALA B 30 2.50 -35.25 -20.89
C ALA B 30 1.56 -35.82 -19.85
N LEU B 31 1.00 -34.96 -18.98
CA LEU B 31 0.10 -35.47 -17.97
C LEU B 31 -1.20 -35.96 -18.58
N ALA B 32 -1.66 -35.32 -19.66
CA ALA B 32 -2.85 -35.82 -20.35
C ALA B 32 -2.61 -37.22 -20.90
N SER B 33 -1.43 -37.41 -21.52
CA SER B 33 -1.11 -38.67 -22.19
C SER B 33 -0.88 -39.79 -21.19
N ALA B 34 -0.22 -39.47 -20.07
CA ALA B 34 -0.08 -40.48 -19.04
C ALA B 34 -1.44 -40.84 -18.44
N ALA B 35 -2.29 -39.83 -18.21
CA ALA B 35 -3.60 -40.08 -17.62
C ALA B 35 -4.60 -40.69 -18.60
N ARG B 36 -4.43 -40.47 -19.90
CA ARG B 36 -5.24 -41.21 -20.86
C ARG B 36 -4.84 -42.68 -20.89
N GLN B 37 -3.53 -42.96 -20.79
CA GLN B 37 -3.07 -44.34 -20.75
C GLN B 37 -3.44 -45.06 -19.46
N ALA B 38 -4.00 -44.37 -18.46
CA ALA B 38 -4.58 -45.03 -17.30
C ALA B 38 -6.09 -45.12 -17.39
N GLY B 39 -6.64 -44.95 -18.59
CA GLY B 39 -8.07 -45.01 -18.76
C GLY B 39 -8.82 -43.96 -17.98
N ILE B 40 -8.28 -42.74 -17.91
CA ILE B 40 -8.98 -41.62 -17.33
C ILE B 40 -9.44 -40.74 -18.49
N ASP B 41 -10.61 -40.12 -18.33
CA ASP B 41 -11.07 -39.15 -19.31
C ASP B 41 -10.38 -37.81 -19.06
N VAL B 42 -9.77 -37.25 -20.10
CA VAL B 42 -8.96 -36.05 -19.95
C VAL B 42 -9.42 -34.97 -20.91
N ALA B 43 -9.63 -33.76 -20.37
CA ALA B 43 -9.93 -32.57 -21.15
C ALA B 43 -8.95 -31.48 -20.75
N VAL B 44 -8.36 -30.79 -21.73
CA VAL B 44 -7.48 -29.66 -21.46
C VAL B 44 -8.18 -28.40 -21.93
N CYS B 45 -8.25 -27.40 -21.04
CA CYS B 45 -8.87 -26.12 -21.35
C CYS B 45 -7.81 -25.02 -21.30
N LYS B 46 -7.77 -24.21 -22.37
CA LYS B 46 -6.88 -23.04 -22.50
C LYS B 46 -7.76 -21.83 -22.76
N PRO B 47 -8.34 -21.23 -21.72
CA PRO B 47 -9.33 -20.17 -21.96
C PRO B 47 -8.80 -19.09 -22.88
N VAL B 48 -7.57 -18.65 -22.65
CA VAL B 48 -6.96 -17.56 -23.38
C VAL B 48 -5.65 -18.03 -23.99
N GLN B 49 -5.57 -17.97 -25.30
CA GLN B 49 -4.36 -18.28 -26.04
C GLN B 49 -3.85 -16.97 -26.61
N THR B 50 -2.56 -16.69 -26.41
CA THR B 50 -1.88 -15.56 -27.01
C THR B 50 -0.76 -16.07 -27.90
N GLY B 51 -0.16 -15.15 -28.63
CA GLY B 51 0.94 -15.53 -29.50
C GLY B 51 0.50 -16.32 -30.72
N THR B 52 -0.72 -16.08 -31.22
CA THR B 52 -1.14 -16.78 -32.43
C THR B 52 -0.48 -16.20 -33.67
N ALA B 53 -0.08 -14.93 -33.62
CA ALA B 53 0.65 -14.36 -34.72
C ALA B 53 1.84 -15.25 -35.10
N ARG B 54 2.74 -15.49 -34.15
CA ARG B 54 3.86 -16.36 -34.47
C ARG B 54 3.47 -17.82 -34.62
N GLY B 55 2.22 -18.16 -34.34
CA GLY B 55 1.74 -19.50 -34.56
C GLY B 55 1.51 -20.38 -33.34
N ASP B 56 1.49 -19.83 -32.13
CA ASP B 56 1.19 -20.65 -30.95
C ASP B 56 -0.20 -21.28 -31.09
N ASP B 57 -0.32 -22.50 -30.57
CA ASP B 57 -1.60 -23.18 -30.47
C ASP B 57 -1.45 -24.34 -29.51
N ASP B 58 -1.53 -24.05 -28.21
CA ASP B 58 -1.19 -25.03 -27.19
C ASP B 58 -2.17 -26.19 -27.16
N LEU B 59 -3.46 -25.89 -27.33
CA LEU B 59 -4.46 -26.96 -27.39
C LEU B 59 -4.15 -27.93 -28.51
N ALA B 60 -3.73 -27.41 -29.68
CA ALA B 60 -3.30 -28.27 -30.78
C ALA B 60 -2.14 -29.17 -30.36
N GLU B 61 -1.13 -28.59 -29.71
CA GLU B 61 0.01 -29.39 -29.27
C GLU B 61 -0.43 -30.47 -28.32
N VAL B 62 -1.42 -30.18 -27.47
CA VAL B 62 -1.90 -31.24 -26.61
C VAL B 62 -2.65 -32.28 -27.43
N GLY B 63 -3.34 -31.83 -28.48
CA GLY B 63 -4.03 -32.75 -29.34
C GLY B 63 -3.05 -33.68 -30.05
N ARG B 64 -2.06 -33.11 -30.71
CA ARG B 64 -1.09 -33.93 -31.43
C ARG B 64 -0.35 -34.87 -30.48
N LEU B 65 0.32 -34.29 -29.48
CA LEU B 65 1.18 -35.09 -28.60
C LEU B 65 0.39 -36.11 -27.79
N ALA B 66 -0.76 -35.74 -27.25
CA ALA B 66 -1.46 -36.60 -26.29
C ALA B 66 -2.76 -37.19 -26.81
N GLY B 67 -3.30 -36.70 -27.92
CA GLY B 67 -4.51 -37.31 -28.43
C GLY B 67 -5.78 -36.93 -27.71
N VAL B 68 -5.76 -35.87 -26.90
CA VAL B 68 -6.99 -35.37 -26.29
C VAL B 68 -7.83 -34.72 -27.37
N THR B 69 -9.14 -34.98 -27.32
CA THR B 69 -10.07 -34.32 -28.23
C THR B 69 -10.94 -33.27 -27.55
N GLN B 70 -11.12 -33.36 -26.22
CA GLN B 70 -11.85 -32.33 -25.51
C GLN B 70 -10.88 -31.18 -25.23
N LEU B 71 -10.80 -30.26 -26.18
CA LEU B 71 -9.88 -29.12 -26.20
C LEU B 71 -10.70 -27.84 -26.27
N ALA B 72 -10.80 -27.13 -25.15
CA ALA B 72 -11.71 -26.00 -25.02
C ALA B 72 -10.94 -24.69 -24.79
N GLY B 73 -11.21 -23.68 -25.63
CA GLY B 73 -10.74 -22.34 -25.37
C GLY B 73 -11.79 -21.31 -25.71
N LEU B 74 -11.50 -20.03 -25.39
CA LEU B 74 -12.50 -18.96 -25.50
C LEU B 74 -12.04 -17.74 -26.29
N ALA B 75 -10.72 -17.51 -26.38
CA ALA B 75 -10.18 -16.32 -27.05
C ALA B 75 -8.78 -16.60 -27.56
N ARG B 76 -8.39 -15.91 -28.64
CA ARG B 76 -7.07 -16.05 -29.24
C ARG B 76 -6.58 -14.68 -29.70
N TYR B 77 -5.48 -14.20 -29.11
CA TYR B 77 -4.92 -12.91 -29.51
C TYR B 77 -3.57 -13.09 -30.19
N PRO B 78 -3.31 -12.35 -31.28
CA PRO B 78 -2.08 -12.59 -32.06
C PRO B 78 -0.79 -12.29 -31.29
N GLN B 79 -0.77 -11.21 -30.52
CA GLN B 79 0.48 -10.71 -29.94
C GLN B 79 1.00 -11.66 -28.88
N PRO B 80 2.35 -11.80 -28.75
CA PRO B 80 2.96 -12.64 -27.73
C PRO B 80 3.14 -11.94 -26.39
N MET B 81 2.06 -11.39 -25.87
CA MET B 81 2.14 -10.69 -24.60
C MET B 81 1.28 -11.42 -23.57
N ALA B 82 1.39 -10.95 -22.32
CA ALA B 82 0.47 -11.36 -21.26
C ALA B 82 -0.94 -11.11 -21.79
N PRO B 83 -1.93 -11.87 -21.32
CA PRO B 83 -3.28 -11.77 -21.91
C PRO B 83 -3.77 -10.32 -22.03
N ALA B 84 -3.92 -9.62 -20.89
CA ALA B 84 -4.45 -8.26 -20.92
C ALA B 84 -3.64 -7.35 -21.83
N ALA B 85 -2.32 -7.58 -21.91
CA ALA B 85 -1.48 -6.77 -22.78
C ALA B 85 -1.75 -7.06 -24.26
N ALA B 86 -2.11 -8.31 -24.59
CA ALA B 86 -2.38 -8.68 -25.97
C ALA B 86 -3.78 -8.30 -26.39
N ALA B 87 -4.68 -8.13 -25.42
CA ALA B 87 -6.02 -7.63 -25.62
C ALA B 87 -6.07 -6.10 -25.62
N GLU B 88 -5.30 -5.45 -24.75
CA GLU B 88 -5.16 -3.98 -24.84
C GLU B 88 -4.57 -3.57 -26.18
N HIS B 89 -3.63 -4.36 -26.71
CA HIS B 89 -3.15 -4.06 -28.05
C HIS B 89 -4.22 -4.33 -29.08
N ALA B 90 -5.01 -5.39 -28.89
CA ALA B 90 -5.98 -5.82 -29.89
C ALA B 90 -7.24 -4.97 -29.92
N GLY B 91 -7.58 -4.35 -28.79
CA GLY B 91 -8.79 -3.57 -28.69
C GLY B 91 -10.02 -4.38 -28.31
N MET B 92 -9.83 -5.47 -27.55
CA MET B 92 -10.91 -6.42 -27.29
C MET B 92 -10.73 -7.04 -25.92
N ALA B 93 -11.69 -6.76 -25.03
CA ALA B 93 -11.66 -7.26 -23.66
C ALA B 93 -11.31 -8.74 -23.57
N LEU B 94 -10.68 -9.12 -22.48
CA LEU B 94 -10.51 -10.52 -22.15
C LEU B 94 -11.88 -11.14 -21.93
N PRO B 95 -11.99 -12.48 -21.94
CA PRO B 95 -13.26 -13.12 -21.57
C PRO B 95 -13.76 -12.61 -20.23
N ALA B 96 -15.05 -12.73 -19.96
CA ALA B 96 -15.53 -12.47 -18.61
C ALA B 96 -15.04 -13.55 -17.66
N ARG B 97 -14.89 -13.17 -16.38
CA ARG B 97 -14.67 -14.17 -15.34
C ARG B 97 -15.72 -15.27 -15.39
N ASP B 98 -16.94 -14.92 -15.80
CA ASP B 98 -18.01 -15.91 -15.82
C ASP B 98 -17.77 -16.97 -16.89
N GLN B 99 -17.24 -16.57 -18.05
CA GLN B 99 -17.10 -17.54 -19.13
C GLN B 99 -16.06 -18.58 -18.78
N ILE B 100 -14.95 -18.15 -18.20
CA ILE B 100 -13.87 -19.05 -17.84
C ILE B 100 -14.32 -20.06 -16.81
N VAL B 101 -15.01 -19.58 -15.77
CA VAL B 101 -15.45 -20.48 -14.71
C VAL B 101 -16.49 -21.47 -15.21
N ARG B 102 -17.41 -21.03 -16.07
CA ARG B 102 -18.43 -21.97 -16.52
C ARG B 102 -17.94 -22.91 -17.61
N LEU B 103 -17.03 -22.46 -18.48
CA LEU B 103 -16.41 -23.39 -19.41
C LEU B 103 -15.79 -24.56 -18.65
N ILE B 104 -15.03 -24.25 -17.59
CA ILE B 104 -14.30 -25.26 -16.81
C ILE B 104 -15.27 -26.13 -16.02
N ALA B 105 -16.30 -25.53 -15.40
CA ALA B 105 -17.28 -26.32 -14.69
C ALA B 105 -18.08 -27.23 -15.63
N ASP B 106 -18.28 -26.82 -16.89
CA ASP B 106 -19.02 -27.66 -17.84
C ASP B 106 -18.17 -28.82 -18.34
N LEU B 107 -16.86 -28.59 -18.52
CA LEU B 107 -15.94 -29.68 -18.84
C LEU B 107 -15.89 -30.71 -17.72
N ASP B 108 -15.96 -30.25 -16.48
CA ASP B 108 -15.68 -31.08 -15.32
C ASP B 108 -16.84 -32.03 -15.05
N ARG B 109 -16.52 -33.31 -14.90
CA ARG B 109 -17.52 -34.35 -14.66
C ARG B 109 -16.84 -35.51 -13.96
N PRO B 110 -17.59 -36.31 -13.20
CA PRO B 110 -17.00 -37.49 -12.54
C PRO B 110 -16.14 -38.31 -13.49
N GLY B 111 -14.98 -38.75 -12.98
CA GLY B 111 -14.05 -39.56 -13.72
C GLY B 111 -13.13 -38.81 -14.65
N ARG B 112 -13.32 -37.50 -14.84
CA ARG B 112 -12.53 -36.75 -15.79
C ARG B 112 -11.42 -35.99 -15.08
N LEU B 113 -10.20 -36.10 -15.61
CA LEU B 113 -9.11 -35.18 -15.28
C LEU B 113 -9.19 -34.01 -16.24
N THR B 114 -9.31 -32.81 -15.68
CA THR B 114 -9.43 -31.60 -16.48
C THR B 114 -8.23 -30.70 -16.22
N LEU B 115 -7.38 -30.54 -17.22
CA LEU B 115 -6.27 -29.64 -17.10
C LEU B 115 -6.70 -28.28 -17.62
N VAL B 116 -6.24 -27.22 -16.95
CA VAL B 116 -6.57 -25.85 -17.28
C VAL B 116 -5.26 -25.11 -17.39
N GLU B 117 -4.86 -24.76 -18.62
CA GLU B 117 -3.56 -24.18 -18.85
C GLU B 117 -3.67 -22.66 -18.83
N GLY B 118 -2.92 -22.02 -17.93
CA GLY B 118 -2.95 -20.58 -17.83
C GLY B 118 -2.36 -19.91 -19.06
N ALA B 119 -2.39 -18.59 -19.05
CA ALA B 119 -1.67 -17.79 -20.03
C ALA B 119 -0.70 -16.90 -19.27
N GLY B 120 0.59 -17.08 -19.52
CA GLY B 120 1.60 -16.52 -18.66
C GLY B 120 1.69 -17.17 -17.29
N GLY B 121 1.55 -16.36 -16.23
CA GLY B 121 1.82 -16.80 -14.88
C GLY B 121 0.58 -16.82 -14.01
N LEU B 122 0.79 -17.18 -12.75
CA LEU B 122 -0.33 -17.46 -11.87
C LEU B 122 -1.12 -16.21 -11.57
N LEU B 123 -0.44 -15.07 -11.47
CA LEU B 123 -1.04 -13.84 -10.96
C LEU B 123 -1.30 -12.81 -12.05
N VAL B 124 -1.20 -13.18 -13.32
CA VAL B 124 -1.54 -12.22 -14.37
C VAL B 124 -3.04 -12.24 -14.68
N GLU B 125 -3.52 -11.14 -15.23
CA GLU B 125 -4.95 -11.00 -15.46
C GLU B 125 -5.38 -12.01 -16.52
N LEU B 126 -6.28 -12.90 -16.14
CA LEU B 126 -6.76 -13.89 -17.08
C LEU B 126 -8.09 -13.51 -17.68
N ALA B 127 -9.03 -13.02 -16.86
CA ALA B 127 -10.29 -12.49 -17.35
C ALA B 127 -10.50 -11.07 -16.84
N GLU B 128 -11.40 -10.36 -17.51
CA GLU B 128 -11.87 -9.06 -17.02
C GLU B 128 -12.78 -9.29 -15.82
N PRO B 129 -12.63 -8.52 -14.72
CA PRO B 129 -11.60 -7.49 -14.47
C PRO B 129 -10.54 -7.89 -13.44
N GLY B 130 -9.30 -8.10 -13.88
CA GLY B 130 -8.22 -8.37 -12.95
C GLY B 130 -8.23 -9.73 -12.30
N VAL B 131 -9.08 -10.67 -12.77
CA VAL B 131 -9.20 -11.99 -12.18
C VAL B 131 -8.20 -12.93 -12.86
N THR B 132 -7.41 -13.65 -12.06
CA THR B 132 -6.23 -14.38 -12.48
C THR B 132 -6.50 -15.87 -12.48
N LEU B 133 -5.50 -16.63 -12.94
CA LEU B 133 -5.55 -18.07 -12.84
C LEU B 133 -5.72 -18.55 -11.41
N ARG B 134 -5.12 -17.85 -10.44
CA ARG B 134 -5.31 -18.22 -9.03
C ARG B 134 -6.77 -18.06 -8.62
N ASP B 135 -7.40 -16.96 -9.02
CA ASP B 135 -8.82 -16.79 -8.73
C ASP B 135 -9.61 -17.94 -9.32
N VAL B 136 -9.31 -18.28 -10.57
CA VAL B 136 -10.07 -19.33 -11.25
C VAL B 136 -9.92 -20.66 -10.51
N ALA B 137 -8.75 -20.94 -9.96
CA ALA B 137 -8.60 -22.16 -9.18
C ALA B 137 -9.49 -22.12 -7.94
N VAL B 138 -9.53 -20.97 -7.27
CA VAL B 138 -10.42 -20.81 -6.12
C VAL B 138 -11.87 -21.06 -6.54
N ASP B 139 -12.33 -20.36 -7.58
CA ASP B 139 -13.72 -20.43 -8.01
C ASP B 139 -14.17 -21.85 -8.40
N VAL B 140 -13.25 -22.70 -8.87
CA VAL B 140 -13.62 -24.06 -9.26
C VAL B 140 -12.98 -25.11 -8.37
N ALA B 141 -12.37 -24.70 -7.24
CA ALA B 141 -11.69 -25.59 -6.30
C ALA B 141 -10.80 -26.59 -7.04
N ALA B 142 -9.89 -26.05 -7.82
CA ALA B 142 -8.88 -26.85 -8.49
C ALA B 142 -7.57 -26.71 -7.74
N ALA B 143 -6.83 -27.82 -7.63
CA ALA B 143 -5.46 -27.70 -7.18
C ALA B 143 -4.59 -27.18 -8.34
N ALA B 144 -3.36 -26.81 -8.00
CA ALA B 144 -2.46 -26.19 -8.95
C ALA B 144 -1.21 -27.05 -9.10
N LEU B 145 -0.90 -27.38 -10.33
CA LEU B 145 0.35 -28.03 -10.73
C LEU B 145 1.30 -26.95 -11.22
N VAL B 146 2.51 -26.92 -10.69
CA VAL B 146 3.43 -25.82 -10.99
C VAL B 146 4.55 -26.37 -11.88
N VAL B 147 4.77 -25.74 -13.03
CA VAL B 147 5.83 -26.13 -13.95
C VAL B 147 7.04 -25.24 -13.70
N VAL B 148 8.22 -25.85 -13.58
CA VAL B 148 9.41 -25.17 -13.11
C VAL B 148 10.60 -25.56 -13.98
N THR B 149 11.61 -24.70 -14.00
CA THR B 149 12.88 -25.07 -14.60
C THR B 149 13.74 -25.76 -13.55
N ALA B 150 14.91 -26.21 -14.00
CA ALA B 150 15.98 -26.60 -13.11
C ALA B 150 17.05 -25.53 -13.05
N ASP B 151 16.93 -24.50 -13.86
CA ASP B 151 18.00 -23.54 -14.00
C ASP B 151 18.06 -22.61 -12.80
N LEU B 152 19.19 -21.92 -12.69
CA LEU B 152 19.38 -21.00 -11.58
C LEU B 152 18.19 -20.07 -11.50
N GLY B 153 17.79 -19.76 -10.27
CA GLY B 153 16.63 -18.93 -10.05
C GLY B 153 15.34 -19.70 -9.81
N THR B 154 15.28 -20.97 -10.18
CA THR B 154 14.01 -21.69 -10.04
C THR B 154 13.54 -21.67 -8.60
N LEU B 155 14.45 -21.78 -7.63
CA LEU B 155 14.04 -21.89 -6.23
C LEU B 155 13.22 -20.67 -5.79
N ASN B 156 13.75 -19.47 -6.04
CA ASN B 156 13.04 -18.25 -5.68
C ASN B 156 11.64 -18.24 -6.28
N HIS B 157 11.57 -18.34 -7.62
CA HIS B 157 10.30 -18.36 -8.34
C HIS B 157 9.34 -19.42 -7.80
N THR B 158 9.84 -20.63 -7.53
CA THR B 158 8.98 -21.70 -7.03
C THR B 158 8.44 -21.41 -5.63
N LYS B 159 9.31 -21.02 -4.69
CA LYS B 159 8.84 -20.59 -3.37
C LYS B 159 7.83 -19.45 -3.50
N LEU B 160 8.09 -18.49 -4.41
CA LEU B 160 7.18 -17.37 -4.61
C LEU B 160 5.80 -17.87 -5.05
N THR B 161 5.77 -18.85 -5.95
CA THR B 161 4.50 -19.32 -6.49
C THR B 161 3.73 -20.17 -5.46
N LEU B 162 4.43 -21.03 -4.72
CA LEU B 162 3.79 -21.77 -3.63
C LEU B 162 3.23 -20.82 -2.57
N GLU B 163 3.97 -19.76 -2.26
CA GLU B 163 3.45 -18.79 -1.30
C GLU B 163 2.20 -18.13 -1.85
N ALA B 164 2.22 -17.75 -3.11
CA ALA B 164 1.03 -17.14 -3.70
C ALA B 164 -0.13 -18.14 -3.76
N LEU B 165 0.17 -19.44 -3.88
CA LEU B 165 -0.89 -20.45 -3.88
C LEU B 165 -1.47 -20.64 -2.49
N ALA B 166 -0.60 -20.87 -1.50
CA ALA B 166 -1.04 -21.02 -0.11
C ALA B 166 -1.80 -19.80 0.38
N ALA B 167 -1.30 -18.59 0.09
CA ALA B 167 -1.99 -17.37 0.50
C ALA B 167 -3.47 -17.34 0.13
N GLN B 168 -3.93 -18.17 -0.81
CA GLN B 168 -5.37 -18.27 -1.09
C GLN B 168 -5.89 -19.70 -0.95
N GLN B 169 -5.21 -20.55 -0.17
CA GLN B 169 -5.66 -21.92 0.12
C GLN B 169 -5.84 -22.75 -1.15
N VAL B 170 -5.11 -22.42 -2.21
CA VAL B 170 -5.05 -23.27 -3.40
C VAL B 170 -3.95 -24.30 -3.18
N SER B 171 -4.35 -25.56 -3.03
CA SER B 171 -3.44 -26.66 -2.82
C SER B 171 -2.46 -26.78 -3.98
N CYS B 172 -1.29 -27.32 -3.68
CA CYS B 172 -0.25 -27.54 -4.68
C CYS B 172 -0.13 -29.01 -5.00
N ALA B 173 -0.59 -29.39 -6.20
CA ALA B 173 -0.54 -30.81 -6.56
C ALA B 173 0.88 -31.29 -6.83
N GLY B 174 1.84 -30.38 -6.93
CA GLY B 174 3.24 -30.75 -7.06
C GLY B 174 3.91 -29.93 -8.13
N LEU B 175 5.17 -30.28 -8.39
CA LEU B 175 5.97 -29.64 -9.42
C LEU B 175 6.25 -30.62 -10.54
N VAL B 176 6.60 -30.06 -11.69
CA VAL B 176 7.08 -30.79 -12.85
C VAL B 176 8.16 -29.92 -13.46
N ILE B 177 9.40 -30.42 -13.46
CA ILE B 177 10.43 -29.77 -14.27
C ILE B 177 10.08 -30.00 -15.72
N GLY B 178 9.78 -28.93 -16.45
CA GLY B 178 9.40 -29.07 -17.85
C GLY B 178 10.53 -29.45 -18.80
N SER B 179 11.79 -29.22 -18.41
CA SER B 179 12.93 -29.59 -19.24
C SER B 179 14.08 -30.03 -18.33
N TRP B 180 14.34 -31.33 -18.32
CA TRP B 180 15.48 -31.91 -17.62
C TRP B 180 16.62 -32.12 -18.61
N PRO B 181 17.76 -31.44 -18.46
CA PRO B 181 18.74 -31.38 -19.54
C PRO B 181 19.70 -32.56 -19.49
N ASP B 182 20.51 -32.68 -20.57
CA ASP B 182 21.47 -33.77 -20.64
C ASP B 182 22.80 -33.31 -21.21
N PRO B 183 23.90 -33.51 -20.47
CA PRO B 183 23.80 -34.02 -19.09
C PRO B 183 23.42 -32.89 -18.13
N PRO B 184 22.90 -33.21 -16.93
CA PRO B 184 22.41 -32.15 -16.03
C PRO B 184 23.33 -30.94 -15.91
N GLY B 185 24.41 -31.07 -15.16
CA GLY B 185 25.11 -29.91 -14.68
C GLY B 185 24.87 -29.73 -13.18
N LEU B 186 25.84 -29.10 -12.51
CA LEU B 186 25.79 -29.03 -11.04
C LEU B 186 24.54 -28.32 -10.57
N VAL B 187 24.17 -27.24 -11.27
CA VAL B 187 23.05 -26.42 -10.85
C VAL B 187 21.73 -27.19 -11.02
N ALA B 188 21.50 -27.70 -12.25
CA ALA B 188 20.34 -28.56 -12.50
C ALA B 188 20.25 -29.68 -11.49
N ALA B 189 21.37 -30.37 -11.25
CA ALA B 189 21.39 -31.47 -10.29
C ALA B 189 21.09 -30.99 -8.88
N SER B 190 21.68 -29.87 -8.46
CA SER B 190 21.42 -29.37 -7.11
C SER B 190 19.97 -28.91 -6.96
N ASN B 191 19.49 -28.10 -7.92
CA ASN B 191 18.15 -27.53 -7.82
C ASN B 191 17.09 -28.61 -7.75
N ARG B 192 17.31 -29.76 -8.41
N ARG B 192 17.29 -29.74 -8.46
CA ARG B 192 16.27 -30.78 -8.43
CA ARG B 192 16.30 -30.81 -8.45
C ARG B 192 16.09 -31.40 -7.05
C ARG B 192 16.09 -31.31 -7.03
N SER B 193 17.18 -31.64 -6.33
CA SER B 193 17.03 -32.16 -4.97
C SER B 193 16.44 -31.10 -4.05
N ALA B 194 16.81 -29.84 -4.26
CA ALA B 194 16.26 -28.76 -3.44
C ALA B 194 14.76 -28.60 -3.66
N LEU B 195 14.32 -28.67 -4.93
CA LEU B 195 12.91 -28.54 -5.24
C LEU B 195 12.12 -29.67 -4.63
N ALA B 196 12.67 -30.88 -4.65
CA ALA B 196 12.04 -32.00 -3.99
C ALA B 196 11.90 -31.78 -2.49
N ARG B 197 12.70 -30.89 -1.91
CA ARG B 197 12.63 -30.67 -0.48
C ARG B 197 11.51 -29.70 -0.08
N ILE B 198 10.99 -28.89 -0.99
CA ILE B 198 9.88 -28.00 -0.68
C ILE B 198 8.58 -28.40 -1.37
N ALA B 199 8.59 -29.37 -2.28
CA ALA B 199 7.36 -29.90 -2.86
C ALA B 199 7.69 -31.21 -3.56
N MET B 200 6.66 -31.99 -3.85
CA MET B 200 6.86 -33.29 -4.50
C MET B 200 7.07 -33.11 -6.00
N VAL B 201 8.13 -33.72 -6.52
CA VAL B 201 8.51 -33.56 -7.93
C VAL B 201 7.86 -34.69 -8.72
N ARG B 202 6.64 -34.43 -9.21
CA ARG B 202 5.84 -35.47 -9.85
C ARG B 202 6.52 -36.07 -11.08
N ALA B 203 7.41 -35.32 -11.71
CA ALA B 203 8.04 -35.76 -12.95
C ALA B 203 8.98 -34.66 -13.45
N ALA B 204 9.91 -35.07 -14.31
CA ALA B 204 10.89 -34.16 -14.90
C ALA B 204 11.05 -34.62 -16.35
N LEU B 205 10.40 -33.90 -17.27
CA LEU B 205 10.34 -34.34 -18.65
C LEU B 205 11.70 -34.15 -19.29
N PRO B 206 12.18 -35.11 -20.08
CA PRO B 206 13.46 -34.93 -20.77
C PRO B 206 13.40 -33.76 -21.73
N ALA B 207 14.50 -33.03 -21.82
CA ALA B 207 14.56 -31.94 -22.77
C ALA B 207 14.30 -32.47 -24.17
N GLY B 208 13.72 -31.62 -25.01
CA GLY B 208 13.45 -32.01 -26.40
C GLY B 208 12.25 -32.91 -26.59
N ALA B 209 11.56 -33.29 -25.50
CA ALA B 209 10.35 -34.10 -25.59
C ALA B 209 9.26 -33.45 -26.43
N ALA B 210 9.29 -32.15 -26.57
CA ALA B 210 8.27 -31.44 -27.34
C ALA B 210 8.36 -31.72 -28.86
N SER B 211 9.22 -32.64 -29.33
CA SER B 211 9.29 -32.96 -30.73
C SER B 211 9.03 -34.42 -31.03
N LEU B 212 9.05 -35.28 -30.02
CA LEU B 212 8.68 -36.67 -30.22
C LEU B 212 7.38 -36.75 -30.98
N ASP B 213 7.26 -37.76 -31.85
CA ASP B 213 5.98 -38.06 -32.45
C ASP B 213 5.03 -38.56 -31.37
N ALA B 214 3.78 -38.84 -31.76
CA ALA B 214 2.77 -39.17 -30.77
C ALA B 214 3.11 -40.44 -29.99
N GLY B 215 3.85 -41.36 -30.60
CA GLY B 215 4.06 -42.66 -29.99
C GLY B 215 5.24 -42.66 -29.07
N ASP B 216 6.36 -42.14 -29.56
CA ASP B 216 7.51 -41.90 -28.69
C ASP B 216 7.11 -41.11 -27.48
N PHE B 217 6.42 -39.98 -27.71
CA PHE B 217 5.94 -39.12 -26.62
C PHE B 217 5.15 -39.90 -25.60
N ALA B 218 4.22 -40.74 -26.05
CA ALA B 218 3.38 -41.44 -25.11
C ALA B 218 4.19 -42.38 -24.23
N ALA B 219 5.26 -42.97 -24.76
CA ALA B 219 6.08 -43.86 -23.95
C ALA B 219 6.92 -43.07 -22.95
N MET B 220 7.41 -41.90 -23.37
CA MET B 220 8.10 -41.00 -22.44
C MET B 220 7.16 -40.54 -21.33
N SER B 221 5.97 -40.06 -21.70
CA SER B 221 5.02 -39.59 -20.71
C SER B 221 4.66 -40.70 -19.72
N ALA B 222 4.51 -41.93 -20.20
CA ALA B 222 4.20 -43.06 -19.31
C ALA B 222 5.36 -43.36 -18.38
N ALA B 223 6.58 -43.10 -18.82
CA ALA B 223 7.75 -43.28 -17.98
C ALA B 223 7.99 -42.11 -17.04
N ALA B 224 7.42 -40.94 -17.33
CA ALA B 224 7.76 -39.75 -16.57
C ALA B 224 7.01 -39.68 -15.25
N PHE B 225 5.74 -40.07 -15.25
CA PHE B 225 4.90 -39.87 -14.08
C PHE B 225 4.77 -41.15 -13.28
N ASP B 226 4.44 -40.99 -12.01
CA ASP B 226 4.21 -42.14 -11.16
C ASP B 226 2.87 -42.75 -11.47
N ARG B 227 2.86 -44.07 -11.63
CA ARG B 227 1.65 -44.81 -12.00
C ARG B 227 0.52 -44.55 -11.01
N ASN B 228 0.78 -44.82 -9.73
CA ASN B 228 -0.26 -44.68 -8.72
C ASN B 228 -0.69 -43.23 -8.59
N TRP B 229 0.25 -42.30 -8.75
CA TRP B 229 -0.09 -40.90 -8.56
C TRP B 229 -1.08 -40.45 -9.62
N VAL B 230 -0.81 -40.75 -10.89
CA VAL B 230 -1.73 -40.44 -11.97
C VAL B 230 -3.10 -41.04 -11.67
N ALA B 231 -3.13 -42.36 -11.39
CA ALA B 231 -4.38 -43.04 -11.09
C ALA B 231 -5.11 -42.36 -9.94
N GLY B 232 -4.38 -41.91 -8.93
CA GLY B 232 -4.99 -41.30 -7.77
C GLY B 232 -5.57 -39.94 -8.04
N LEU B 233 -5.27 -39.34 -9.19
CA LEU B 233 -5.91 -38.09 -9.59
C LEU B 233 -7.41 -38.28 -9.79
N VAL B 234 -7.80 -39.37 -10.46
CA VAL B 234 -9.20 -39.79 -10.62
C VAL B 234 -10.07 -38.65 -11.13
N HIS C 8 -0.37 14.72 -20.62
CA HIS C 8 -0.72 13.51 -21.35
C HIS C 8 -2.19 13.08 -21.07
N GLY C 9 -3.15 13.86 -21.59
CA GLY C 9 -4.56 13.61 -21.33
C GLY C 9 -5.38 14.84 -20.96
N GLY C 10 -6.50 14.63 -20.25
CA GLY C 10 -7.35 15.73 -19.83
C GLY C 10 -6.98 16.33 -18.49
N THR C 11 -7.91 16.29 -17.54
CA THR C 11 -7.70 16.86 -16.20
C THR C 11 -8.44 16.02 -15.18
N ILE C 12 -7.71 15.34 -14.31
CA ILE C 12 -8.28 14.50 -13.25
C ILE C 12 -8.22 15.26 -11.93
N LEU C 13 -9.29 15.15 -11.16
CA LEU C 13 -9.43 15.90 -9.90
C LEU C 13 -10.02 14.96 -8.85
N VAL C 14 -9.18 14.40 -7.96
CA VAL C 14 -9.75 13.66 -6.85
C VAL C 14 -10.48 14.64 -5.96
N VAL C 15 -11.57 14.18 -5.36
CA VAL C 15 -12.38 15.01 -4.46
C VAL C 15 -12.49 14.28 -3.13
N THR C 16 -11.93 14.89 -2.09
CA THR C 16 -11.76 14.27 -0.79
C THR C 16 -12.41 15.19 0.23
N GLY C 17 -12.62 14.67 1.44
CA GLY C 17 -13.23 15.47 2.48
C GLY C 17 -12.49 15.50 3.80
N THR C 18 -12.78 16.50 4.64
CA THR C 18 -12.11 16.51 5.93
C THR C 18 -12.78 15.59 6.94
N GLY C 19 -14.06 15.25 6.74
CA GLY C 19 -14.79 14.45 7.70
C GLY C 19 -15.55 13.29 7.07
N THR C 20 -16.47 12.68 7.82
CA THR C 20 -17.16 11.50 7.33
C THR C 20 -18.39 11.82 6.47
N GLY C 21 -19.07 12.94 6.74
CA GLY C 21 -20.19 13.37 5.91
C GLY C 21 -20.20 14.86 5.71
N VAL C 22 -19.50 15.33 4.67
CA VAL C 22 -19.13 16.72 4.53
C VAL C 22 -19.64 17.34 3.25
N GLY C 23 -20.40 16.62 2.44
CA GLY C 23 -20.89 17.15 1.18
C GLY C 23 -20.06 16.82 -0.05
N LYS C 24 -19.29 15.72 -0.03
CA LYS C 24 -18.48 15.39 -1.19
C LYS C 24 -19.33 15.16 -2.42
N THR C 25 -20.51 14.53 -2.24
CA THR C 25 -21.34 14.16 -3.38
C THR C 25 -22.06 15.37 -3.95
N VAL C 26 -22.62 16.23 -3.10
CA VAL C 26 -23.20 17.47 -3.60
C VAL C 26 -22.15 18.32 -4.29
N VAL C 27 -20.91 18.27 -3.80
CA VAL C 27 -19.85 19.05 -4.41
C VAL C 27 -19.47 18.48 -5.77
N CYS C 28 -19.26 17.18 -5.85
CA CYS C 28 -19.05 16.54 -7.14
C CYS C 28 -20.18 16.86 -8.11
N ALA C 29 -21.41 16.93 -7.61
CA ALA C 29 -22.53 17.24 -8.48
C ALA C 29 -22.50 18.69 -8.90
N ALA C 30 -22.28 19.60 -7.95
CA ALA C 30 -22.19 21.01 -8.26
C ALA C 30 -21.13 21.29 -9.33
N LEU C 31 -19.92 20.74 -9.15
CA LEU C 31 -18.80 21.08 -10.03
C LEU C 31 -19.01 20.51 -11.43
N ALA C 32 -19.35 19.23 -11.53
CA ALA C 32 -19.74 18.67 -12.81
C ALA C 32 -20.79 19.53 -13.49
N SER C 33 -21.76 20.04 -12.73
CA SER C 33 -22.83 20.86 -13.31
C SER C 33 -22.27 22.15 -13.88
N ALA C 34 -21.55 22.92 -13.06
CA ALA C 34 -20.92 24.15 -13.54
C ALA C 34 -19.96 23.90 -14.69
N ALA C 35 -19.59 22.65 -14.92
CA ALA C 35 -18.64 22.33 -15.98
C ALA C 35 -19.33 22.12 -17.33
N ARG C 36 -20.34 21.25 -17.38
CA ARG C 36 -21.20 21.18 -18.57
C ARG C 36 -21.76 22.56 -18.92
N GLN C 37 -22.12 23.35 -17.92
CA GLN C 37 -22.62 24.69 -18.18
C GLN C 37 -21.53 25.65 -18.63
N ALA C 38 -20.29 25.18 -18.80
CA ALA C 38 -19.25 25.93 -19.48
C ALA C 38 -18.71 25.14 -20.67
N GLY C 39 -19.50 24.21 -21.19
CA GLY C 39 -19.10 23.35 -22.30
C GLY C 39 -17.91 22.50 -21.99
N ILE C 40 -17.99 21.67 -20.95
CA ILE C 40 -16.86 20.88 -20.48
C ILE C 40 -17.29 19.42 -20.34
N ASP C 41 -16.58 18.53 -21.02
CA ASP C 41 -16.83 17.10 -20.93
C ASP C 41 -16.47 16.60 -19.53
N VAL C 42 -17.46 16.08 -18.81
CA VAL C 42 -17.30 15.69 -17.41
C VAL C 42 -17.65 14.22 -17.24
N ALA C 43 -16.80 13.51 -16.51
CA ALA C 43 -17.09 12.16 -16.06
C ALA C 43 -16.82 12.13 -14.56
N VAL C 44 -17.60 11.34 -13.84
CA VAL C 44 -17.48 11.23 -12.40
C VAL C 44 -17.28 9.76 -12.06
N CYS C 45 -16.53 9.50 -10.99
CA CYS C 45 -16.05 8.15 -10.71
C CYS C 45 -16.01 7.93 -9.21
N LYS C 46 -16.76 6.93 -8.72
CA LYS C 46 -16.67 6.46 -7.33
C LYS C 46 -16.09 5.05 -7.36
N PRO C 47 -14.78 4.89 -7.22
CA PRO C 47 -14.21 3.53 -7.28
C PRO C 47 -14.59 2.68 -6.08
N VAL C 48 -15.01 3.30 -4.97
CA VAL C 48 -15.42 2.57 -3.79
C VAL C 48 -16.64 3.26 -3.23
N GLN C 49 -17.75 2.52 -3.13
CA GLN C 49 -18.98 2.99 -2.51
C GLN C 49 -19.37 2.07 -1.37
N THR C 50 -19.83 2.65 -0.27
CA THR C 50 -20.37 1.92 0.87
C THR C 50 -21.75 2.45 1.19
N GLY C 51 -22.45 1.74 2.07
CA GLY C 51 -23.74 2.19 2.57
C GLY C 51 -24.95 1.89 1.71
N THR C 52 -24.88 0.90 0.79
CA THR C 52 -26.08 0.58 0.00
C THR C 52 -27.26 0.23 0.90
N ALA C 53 -27.02 -0.64 1.89
CA ALA C 53 -28.06 -1.02 2.85
C ALA C 53 -28.84 0.17 3.39
N ARG C 54 -28.28 1.37 3.27
CA ARG C 54 -28.92 2.59 3.75
C ARG C 54 -29.60 3.37 2.64
N GLY C 55 -29.28 3.10 1.38
CA GLY C 55 -29.74 3.92 0.27
C GLY C 55 -28.66 4.77 -0.34
N ASP C 56 -27.41 4.62 0.10
CA ASP C 56 -26.29 5.37 -0.44
C ASP C 56 -25.99 4.89 -1.84
N ASP C 57 -26.23 5.75 -2.83
CA ASP C 57 -25.58 5.63 -4.15
C ASP C 57 -25.16 7.04 -4.56
N ASP C 58 -23.86 7.30 -4.43
CA ASP C 58 -23.36 8.63 -4.70
C ASP C 58 -23.26 8.89 -6.21
N LEU C 59 -22.88 7.87 -6.98
CA LEU C 59 -22.88 8.00 -8.44
C LEU C 59 -24.28 8.29 -8.96
N ALA C 60 -25.28 7.53 -8.50
CA ALA C 60 -26.65 7.78 -8.92
C ALA C 60 -27.11 9.18 -8.52
N GLU C 61 -26.65 9.68 -7.38
CA GLU C 61 -27.14 10.98 -6.93
C GLU C 61 -26.56 12.13 -7.75
N VAL C 62 -25.37 11.96 -8.30
CA VAL C 62 -24.80 13.00 -9.15
C VAL C 62 -25.55 13.07 -10.47
N GLY C 63 -25.73 11.91 -11.13
CA GLY C 63 -26.53 11.86 -12.33
C GLY C 63 -27.91 12.48 -12.14
N ARG C 64 -28.55 12.21 -11.00
CA ARG C 64 -29.83 12.85 -10.69
C ARG C 64 -29.67 14.35 -10.52
N LEU C 65 -28.61 14.79 -9.82
CA LEU C 65 -28.50 16.19 -9.41
C LEU C 65 -27.96 17.08 -10.52
N ALA C 66 -27.18 16.51 -11.43
CA ALA C 66 -26.40 17.27 -12.40
C ALA C 66 -26.73 16.91 -13.83
N GLY C 67 -26.96 15.64 -14.12
CA GLY C 67 -27.22 15.19 -15.46
C GLY C 67 -26.08 14.45 -16.11
N VAL C 68 -25.08 14.04 -15.33
CA VAL C 68 -23.91 13.35 -15.86
C VAL C 68 -24.30 11.91 -16.18
N THR C 69 -24.18 11.53 -17.45
CA THR C 69 -24.42 10.17 -17.88
C THR C 69 -23.13 9.41 -18.10
N GLN C 70 -21.99 10.03 -17.83
CA GLN C 70 -20.69 9.40 -17.93
C GLN C 70 -20.15 9.11 -16.54
N LEU C 71 -20.77 8.13 -15.87
CA LEU C 71 -20.40 7.78 -14.51
C LEU C 71 -19.77 6.40 -14.49
N ALA C 72 -19.06 6.12 -13.40
CA ALA C 72 -18.29 4.88 -13.32
C ALA C 72 -18.06 4.51 -11.86
N GLY C 73 -18.26 3.23 -11.54
CA GLY C 73 -17.99 2.71 -10.24
C GLY C 73 -17.22 1.41 -10.36
N LEU C 74 -16.92 0.80 -9.23
CA LEU C 74 -16.16 -0.45 -9.32
C LEU C 74 -16.49 -1.38 -8.16
N ALA C 75 -16.62 -0.83 -6.96
CA ALA C 75 -16.98 -1.64 -5.81
C ALA C 75 -18.06 -0.90 -5.06
N ARG C 76 -19.01 -1.67 -4.53
CA ARG C 76 -20.07 -1.19 -3.67
C ARG C 76 -20.19 -2.17 -2.52
N TYR C 77 -20.55 -1.66 -1.34
CA TYR C 77 -20.62 -2.49 -0.15
C TYR C 77 -21.84 -2.10 0.66
N PRO C 78 -22.41 -3.03 1.45
CA PRO C 78 -23.70 -2.76 2.08
C PRO C 78 -23.62 -1.89 3.33
N GLN C 79 -22.63 -2.13 4.21
CA GLN C 79 -22.88 -1.33 5.41
C GLN C 79 -22.21 0.03 5.30
N PRO C 80 -22.86 1.09 5.84
CA PRO C 80 -22.21 2.40 5.91
C PRO C 80 -21.07 2.45 6.92
N MET C 81 -20.01 1.69 6.63
CA MET C 81 -18.79 1.60 7.40
C MET C 81 -17.60 2.07 6.55
N ALA C 82 -16.45 2.14 7.19
CA ALA C 82 -15.23 2.41 6.44
C ALA C 82 -15.04 1.29 5.42
N PRO C 83 -14.60 1.62 4.19
CA PRO C 83 -14.52 0.62 3.12
C PRO C 83 -14.03 -0.76 3.55
N ALA C 84 -12.89 -0.82 4.26
CA ALA C 84 -12.30 -2.11 4.61
C ALA C 84 -13.24 -2.92 5.50
N ALA C 85 -13.93 -2.26 6.41
CA ALA C 85 -14.81 -2.95 7.34
C ALA C 85 -16.09 -3.40 6.65
N ALA C 86 -16.75 -2.48 5.94
CA ALA C 86 -17.92 -2.81 5.13
C ALA C 86 -17.64 -3.96 4.16
N ALA C 87 -16.39 -4.11 3.73
CA ALA C 87 -16.02 -5.21 2.87
C ALA C 87 -15.90 -6.51 3.65
N GLU C 88 -15.26 -6.48 4.82
CA GLU C 88 -15.17 -7.68 5.65
C GLU C 88 -16.57 -8.15 6.06
N HIS C 89 -17.46 -7.21 6.34
CA HIS C 89 -18.84 -7.50 6.71
C HIS C 89 -19.65 -8.06 5.55
N ALA C 90 -19.04 -8.29 4.39
CA ALA C 90 -19.75 -8.78 3.21
C ALA C 90 -19.00 -9.91 2.53
N GLY C 91 -18.01 -10.48 3.21
CA GLY C 91 -17.23 -11.59 2.68
C GLY C 91 -16.37 -11.20 1.49
N MET C 92 -16.45 -9.94 1.09
CA MET C 92 -15.76 -9.42 -0.08
C MET C 92 -14.46 -8.75 0.32
N ALA C 93 -13.56 -8.61 -0.66
CA ALA C 93 -12.28 -7.93 -0.51
C ALA C 93 -12.28 -6.59 -1.23
N LEU C 94 -11.27 -5.81 -0.96
CA LEU C 94 -11.21 -4.48 -1.54
C LEU C 94 -10.69 -4.53 -2.97
N PRO C 95 -11.07 -3.56 -3.80
CA PRO C 95 -10.51 -3.50 -5.15
C PRO C 95 -8.99 -3.37 -5.12
N ALA C 96 -8.35 -3.89 -6.15
CA ALA C 96 -6.90 -3.77 -6.23
C ALA C 96 -6.53 -2.37 -6.73
N ARG C 97 -5.29 -1.99 -6.42
CA ARG C 97 -4.79 -0.67 -6.81
C ARG C 97 -5.01 -0.42 -8.29
N ASP C 98 -4.54 -1.35 -9.13
CA ASP C 98 -4.51 -1.14 -10.57
C ASP C 98 -5.89 -1.17 -11.20
N GLN C 99 -6.90 -1.68 -10.49
CA GLN C 99 -8.26 -1.62 -11.00
C GLN C 99 -8.85 -0.23 -10.78
N ILE C 100 -8.66 0.34 -9.58
CA ILE C 100 -9.04 1.72 -9.35
C ILE C 100 -8.27 2.63 -10.31
N VAL C 101 -6.98 2.35 -10.50
CA VAL C 101 -6.18 3.14 -11.42
C VAL C 101 -6.70 2.99 -12.85
N ARG C 102 -6.77 1.74 -13.33
CA ARG C 102 -7.27 1.47 -14.68
C ARG C 102 -8.67 2.05 -14.88
N LEU C 103 -9.50 2.00 -13.84
CA LEU C 103 -10.84 2.57 -13.93
C LEU C 103 -10.76 4.07 -14.23
N ILE C 104 -9.77 4.75 -13.66
CA ILE C 104 -9.61 6.18 -13.90
C ILE C 104 -8.93 6.44 -15.24
N ALA C 105 -7.85 5.70 -15.55
CA ALA C 105 -7.16 5.90 -16.82
C ALA C 105 -8.05 5.55 -18.01
N ASP C 106 -8.94 4.56 -17.85
CA ASP C 106 -9.98 4.33 -18.86
C ASP C 106 -10.89 5.55 -19.00
N LEU C 107 -10.99 6.36 -17.96
CA LEU C 107 -11.88 7.50 -17.98
C LEU C 107 -11.23 8.76 -18.51
N ASP C 108 -9.92 8.93 -18.32
CA ASP C 108 -9.29 10.17 -18.74
C ASP C 108 -9.18 10.22 -20.26
N ARG C 109 -9.44 11.39 -20.81
CA ARG C 109 -9.12 11.70 -22.19
C ARG C 109 -8.90 13.20 -22.28
N PRO C 110 -8.09 13.66 -23.24
CA PRO C 110 -7.91 15.10 -23.43
C PRO C 110 -9.25 15.79 -23.60
N GLY C 111 -9.35 17.00 -23.03
CA GLY C 111 -10.59 17.75 -23.05
C GLY C 111 -11.48 17.52 -21.84
N ARG C 112 -11.27 16.44 -21.10
CA ARG C 112 -12.21 15.94 -20.12
C ARG C 112 -11.77 16.25 -18.69
N LEU C 113 -12.73 16.69 -17.89
CA LEU C 113 -12.58 16.79 -16.44
C LEU C 113 -13.21 15.55 -15.83
N THR C 114 -12.40 14.70 -15.23
CA THR C 114 -12.90 13.55 -14.49
C THR C 114 -12.71 13.85 -13.00
N LEU C 115 -13.81 13.80 -12.25
CA LEU C 115 -13.77 13.88 -10.80
C LEU C 115 -13.81 12.46 -10.23
N VAL C 116 -13.00 12.22 -9.19
CA VAL C 116 -12.85 10.89 -8.59
C VAL C 116 -13.20 11.05 -7.11
N GLU C 117 -14.48 10.87 -6.76
CA GLU C 117 -14.87 10.97 -5.36
C GLU C 117 -14.24 9.85 -4.56
N GLY C 118 -13.83 10.16 -3.33
CA GLY C 118 -13.23 9.19 -2.43
C GLY C 118 -14.27 8.46 -1.62
N ALA C 119 -13.85 7.96 -0.46
CA ALA C 119 -14.76 7.21 0.40
C ALA C 119 -14.53 7.58 1.86
N GLY C 120 -14.72 8.85 2.20
CA GLY C 120 -14.76 9.31 3.57
C GLY C 120 -13.60 10.19 4.00
N GLY C 121 -12.45 10.10 3.31
CA GLY C 121 -11.32 10.89 3.75
C GLY C 121 -10.02 10.49 3.07
N LEU C 122 -9.06 11.42 3.07
CA LEU C 122 -7.87 11.30 2.24
C LEU C 122 -7.12 10.02 2.56
N LEU C 123 -6.90 9.72 3.84
CA LEU C 123 -6.08 8.58 4.20
C LEU C 123 -6.90 7.32 4.49
N VAL C 124 -8.21 7.36 4.21
CA VAL C 124 -9.02 6.16 4.30
C VAL C 124 -8.50 5.11 3.33
N GLU C 125 -8.49 3.85 3.79
CA GLU C 125 -8.02 2.75 2.95
C GLU C 125 -8.95 2.54 1.76
N LEU C 126 -8.37 2.31 0.58
CA LEU C 126 -9.14 1.97 -0.61
C LEU C 126 -8.69 0.68 -1.27
N ALA C 127 -7.51 0.17 -0.93
CA ALA C 127 -6.97 -1.04 -1.53
C ALA C 127 -5.88 -1.55 -0.61
N GLU C 128 -5.79 -2.88 -0.48
CA GLU C 128 -4.73 -3.45 0.34
C GLU C 128 -3.39 -3.33 -0.39
N PRO C 129 -2.31 -2.96 0.33
CA PRO C 129 -2.28 -2.67 1.77
C PRO C 129 -2.34 -1.18 2.08
N GLY C 130 -3.38 -0.74 2.81
CA GLY C 130 -3.57 0.68 3.10
C GLY C 130 -3.33 1.69 1.98
N VAL C 131 -3.89 1.45 0.80
CA VAL C 131 -3.70 2.33 -0.33
C VAL C 131 -4.85 3.34 -0.35
N THR C 132 -4.51 4.62 -0.46
CA THR C 132 -5.42 5.71 -0.15
C THR C 132 -5.76 6.53 -1.40
N LEU C 133 -6.72 7.43 -1.25
CA LEU C 133 -6.99 8.37 -2.34
C LEU C 133 -5.78 9.24 -2.64
N ARG C 134 -4.89 9.44 -1.67
CA ARG C 134 -3.67 10.20 -1.95
C ARG C 134 -2.75 9.42 -2.88
N ASP C 135 -2.51 8.15 -2.55
CA ASP C 135 -1.67 7.29 -3.40
C ASP C 135 -2.19 7.25 -4.82
N VAL C 136 -3.51 7.02 -4.96
CA VAL C 136 -4.18 7.02 -6.26
C VAL C 136 -3.99 8.33 -6.99
N ALA C 137 -4.03 9.46 -6.26
CA ALA C 137 -3.81 10.75 -6.91
C ALA C 137 -2.38 10.86 -7.45
N VAL C 138 -1.39 10.43 -6.66
CA VAL C 138 -0.01 10.44 -7.15
C VAL C 138 0.09 9.64 -8.43
N ASP C 139 -0.54 8.47 -8.49
CA ASP C 139 -0.42 7.61 -9.67
C ASP C 139 -1.02 8.27 -10.91
N VAL C 140 -2.19 8.90 -10.77
CA VAL C 140 -2.89 9.44 -11.93
C VAL C 140 -2.56 10.92 -12.09
N ALA C 141 -1.58 11.38 -11.30
CA ALA C 141 -1.13 12.78 -11.30
C ALA C 141 -2.33 13.72 -11.32
N ALA C 142 -3.19 13.56 -10.32
CA ALA C 142 -4.37 14.40 -10.14
C ALA C 142 -4.15 15.41 -9.03
N ALA C 143 -4.87 16.52 -9.11
CA ALA C 143 -4.96 17.43 -7.97
C ALA C 143 -6.10 16.99 -7.05
N ALA C 144 -6.18 17.62 -5.88
CA ALA C 144 -7.19 17.30 -4.86
C ALA C 144 -8.02 18.53 -4.52
N LEU C 145 -9.34 18.40 -4.66
CA LEU C 145 -10.28 19.37 -4.13
C LEU C 145 -10.75 18.88 -2.78
N VAL C 146 -10.65 19.73 -1.75
CA VAL C 146 -10.86 19.31 -0.37
C VAL C 146 -12.20 19.86 0.09
N VAL C 147 -13.11 18.96 0.46
CA VAL C 147 -14.46 19.33 0.89
C VAL C 147 -14.47 19.48 2.40
N VAL C 148 -14.83 20.68 2.87
CA VAL C 148 -14.69 21.07 4.27
C VAL C 148 -16.03 21.57 4.79
N THR C 149 -16.16 21.58 6.11
CA THR C 149 -17.29 22.23 6.78
C THR C 149 -16.89 23.63 7.23
N ALA C 150 -17.89 24.35 7.75
CA ALA C 150 -17.65 25.63 8.41
C ALA C 150 -17.67 25.51 9.93
N ASP C 151 -18.03 24.33 10.46
CA ASP C 151 -18.27 24.14 11.89
C ASP C 151 -16.96 24.03 12.65
N LEU C 152 -17.06 23.95 13.98
CA LEU C 152 -15.87 23.84 14.81
C LEU C 152 -15.10 22.59 14.43
N GLY C 153 -13.79 22.61 14.70
CA GLY C 153 -12.94 21.51 14.33
C GLY C 153 -12.46 21.53 12.89
N THR C 154 -12.89 22.50 12.08
CA THR C 154 -12.61 22.44 10.66
C THR C 154 -11.20 22.91 10.33
N LEU C 155 -10.74 23.99 10.98
CA LEU C 155 -9.40 24.53 10.77
C LEU C 155 -8.34 23.45 10.99
N ASN C 156 -8.46 22.72 12.10
CA ASN C 156 -7.50 21.65 12.36
C ASN C 156 -7.60 20.57 11.28
N HIS C 157 -8.80 20.03 11.07
CA HIS C 157 -8.99 18.96 10.11
C HIS C 157 -8.56 19.39 8.72
N THR C 158 -8.91 20.62 8.31
CA THR C 158 -8.51 21.07 6.99
C THR C 158 -6.99 21.18 6.90
N LYS C 159 -6.37 21.77 7.93
CA LYS C 159 -4.92 21.93 7.93
C LYS C 159 -4.24 20.57 7.84
N LEU C 160 -4.74 19.59 8.58
CA LEU C 160 -4.18 18.25 8.59
C LEU C 160 -4.26 17.60 7.23
N THR C 161 -5.33 17.87 6.48
CA THR C 161 -5.46 17.28 5.15
C THR C 161 -4.50 17.92 4.17
N LEU C 162 -4.44 19.25 4.18
CA LEU C 162 -3.51 19.99 3.32
C LEU C 162 -2.07 19.52 3.52
N GLU C 163 -1.60 19.53 4.78
CA GLU C 163 -0.30 18.98 5.13
C GLU C 163 -0.05 17.62 4.48
N ALA C 164 -1.04 16.72 4.53
CA ALA C 164 -0.83 15.41 3.92
C ALA C 164 -0.86 15.46 2.40
N LEU C 165 -1.65 16.35 1.81
CA LEU C 165 -1.57 16.51 0.36
C LEU C 165 -0.18 17.02 -0.04
N ALA C 166 0.27 18.09 0.60
CA ALA C 166 1.53 18.68 0.22
C ALA C 166 2.69 17.75 0.54
N ALA C 167 2.54 16.93 1.58
CA ALA C 167 3.57 15.97 1.94
C ALA C 167 3.92 15.07 0.76
N GLN C 168 2.94 14.69 -0.05
CA GLN C 168 3.18 13.83 -1.19
C GLN C 168 3.10 14.57 -2.52
N GLN C 169 3.32 15.89 -2.50
CA GLN C 169 3.35 16.69 -3.74
C GLN C 169 2.07 16.50 -4.57
N VAL C 170 0.95 16.30 -3.88
CA VAL C 170 -0.38 16.33 -4.48
C VAL C 170 -0.91 17.75 -4.34
N SER C 171 -1.02 18.46 -5.45
CA SER C 171 -1.49 19.83 -5.44
C SER C 171 -2.94 19.91 -4.97
N CYS C 172 -3.27 21.02 -4.31
CA CYS C 172 -4.63 21.26 -3.82
C CYS C 172 -5.34 22.24 -4.76
N ALA C 173 -6.45 21.79 -5.34
CA ALA C 173 -7.27 22.61 -6.23
C ALA C 173 -8.12 23.64 -5.50
N GLY C 174 -8.24 23.56 -4.18
CA GLY C 174 -9.03 24.50 -3.40
C GLY C 174 -9.95 23.79 -2.41
N LEU C 175 -10.58 24.61 -1.59
CA LEU C 175 -11.56 24.12 -0.62
C LEU C 175 -12.96 24.40 -1.14
N VAL C 176 -13.86 23.46 -0.92
CA VAL C 176 -15.28 23.72 -1.09
C VAL C 176 -15.96 23.46 0.25
N ILE C 177 -16.65 24.47 0.77
CA ILE C 177 -17.52 24.30 1.92
C ILE C 177 -18.76 23.51 1.47
N GLY C 178 -18.94 22.31 2.04
CA GLY C 178 -19.98 21.42 1.57
C GLY C 178 -21.39 21.88 1.85
N SER C 179 -21.60 22.62 2.94
CA SER C 179 -22.89 23.22 3.23
C SER C 179 -22.66 24.51 4.00
N TRP C 180 -23.12 25.63 3.42
CA TRP C 180 -22.91 26.96 4.01
C TRP C 180 -24.23 27.49 4.54
N PRO C 181 -24.41 27.59 5.86
CA PRO C 181 -25.67 28.10 6.40
C PRO C 181 -25.89 29.57 6.07
N ASP C 182 -27.12 30.01 6.30
CA ASP C 182 -27.55 31.38 6.06
C ASP C 182 -28.69 31.76 7.00
N PRO C 183 -28.52 32.79 7.85
CA PRO C 183 -27.27 33.53 7.97
C PRO C 183 -26.25 32.71 8.76
N PRO C 184 -24.98 32.85 8.41
CA PRO C 184 -23.96 32.00 9.03
C PRO C 184 -23.68 32.44 10.46
N GLY C 185 -23.52 31.47 11.34
CA GLY C 185 -23.22 31.77 12.73
C GLY C 185 -21.93 32.53 12.88
N LEU C 186 -21.64 32.93 14.13
CA LEU C 186 -20.37 33.58 14.42
C LEU C 186 -19.20 32.66 14.11
N VAL C 187 -19.37 31.36 14.37
CA VAL C 187 -18.32 30.39 14.09
C VAL C 187 -18.24 30.10 12.60
N ALA C 188 -19.37 29.74 11.98
CA ALA C 188 -19.36 29.43 10.56
C ALA C 188 -18.78 30.59 9.75
N ALA C 189 -19.13 31.82 10.11
CA ALA C 189 -18.53 32.97 9.46
C ALA C 189 -17.04 33.02 9.73
N SER C 190 -16.67 33.01 11.02
CA SER C 190 -15.26 33.12 11.43
C SER C 190 -14.39 32.08 10.74
N ASN C 191 -14.83 30.81 10.76
CA ASN C 191 -14.06 29.73 10.19
C ASN C 191 -13.83 29.92 8.69
N ARG C 192 -14.85 30.35 7.95
CA ARG C 192 -14.68 30.58 6.52
C ARG C 192 -13.59 31.61 6.30
N SER C 193 -13.68 32.75 6.99
CA SER C 193 -12.63 33.76 6.89
C SER C 193 -11.26 33.14 7.17
N ALA C 194 -11.19 32.30 8.21
CA ALA C 194 -9.93 31.64 8.56
C ALA C 194 -9.48 30.67 7.47
N LEU C 195 -10.43 30.01 6.81
CA LEU C 195 -10.06 29.03 5.79
C LEU C 195 -9.52 29.71 4.53
N ALA C 196 -10.16 30.79 4.10
CA ALA C 196 -9.68 31.46 2.89
C ALA C 196 -8.27 32.02 3.09
N ARG C 197 -7.86 32.25 4.34
CA ARG C 197 -6.46 32.57 4.63
C ARG C 197 -5.52 31.37 4.47
N ILE C 198 -6.06 30.18 4.19
CA ILE C 198 -5.32 28.93 4.18
C ILE C 198 -5.36 28.27 2.80
N ALA C 199 -6.49 28.37 2.11
CA ALA C 199 -6.60 27.87 0.74
C ALA C 199 -7.71 28.66 0.04
N MET C 200 -7.80 28.48 -1.28
CA MET C 200 -8.86 29.09 -2.07
C MET C 200 -10.21 28.43 -1.76
N VAL C 201 -11.20 29.23 -1.41
CA VAL C 201 -12.57 28.75 -1.21
C VAL C 201 -13.28 28.81 -2.55
N ARG C 202 -13.33 27.68 -3.26
CA ARG C 202 -13.96 27.66 -4.58
C ARG C 202 -15.46 27.89 -4.49
N ALA C 203 -16.12 27.28 -3.50
CA ALA C 203 -17.56 27.36 -3.45
C ALA C 203 -18.02 27.14 -2.03
N ALA C 204 -19.04 27.89 -1.62
CA ALA C 204 -19.74 27.68 -0.37
C ALA C 204 -21.17 27.26 -0.72
N LEU C 205 -21.30 26.02 -1.19
CA LEU C 205 -22.55 25.38 -1.54
C LEU C 205 -23.59 25.56 -0.44
N PRO C 206 -24.67 26.32 -0.68
CA PRO C 206 -25.63 26.61 0.40
C PRO C 206 -26.28 25.34 0.96
N ALA C 207 -26.65 25.42 2.23
CA ALA C 207 -27.24 24.28 2.91
C ALA C 207 -28.42 23.72 2.13
N GLY C 208 -28.51 22.40 2.08
CA GLY C 208 -29.60 21.75 1.39
C GLY C 208 -29.57 21.94 -0.11
N ALA C 209 -28.40 21.74 -0.71
CA ALA C 209 -28.32 21.82 -2.17
C ALA C 209 -28.64 20.49 -2.83
N ALA C 210 -28.40 19.37 -2.14
CA ALA C 210 -28.70 18.05 -2.67
C ALA C 210 -30.19 17.75 -2.72
N SER C 211 -31.02 18.65 -2.24
CA SER C 211 -32.47 18.47 -2.31
C SER C 211 -33.04 19.46 -3.31
N LEU C 212 -32.61 19.38 -4.56
CA LEU C 212 -33.00 20.40 -5.52
C LEU C 212 -33.37 19.77 -6.85
N ASP C 213 -34.35 20.38 -7.49
CA ASP C 213 -34.57 20.24 -8.92
C ASP C 213 -33.36 20.76 -9.68
N ALA C 214 -33.02 20.11 -10.79
CA ALA C 214 -31.90 20.57 -11.61
C ALA C 214 -32.06 22.04 -11.99
N GLY C 215 -33.30 22.51 -12.13
CA GLY C 215 -33.51 23.90 -12.52
C GLY C 215 -33.02 24.89 -11.49
N ASP C 216 -33.35 24.66 -10.21
CA ASP C 216 -32.80 25.49 -9.15
C ASP C 216 -31.37 25.06 -8.80
N PHE C 217 -31.04 23.78 -9.03
CA PHE C 217 -29.72 23.26 -8.72
C PHE C 217 -28.67 23.82 -9.68
N ALA C 218 -28.88 23.65 -10.99
CA ALA C 218 -27.88 24.05 -11.96
C ALA C 218 -27.56 25.54 -11.86
N ALA C 219 -28.54 26.35 -11.45
CA ALA C 219 -28.25 27.76 -11.16
C ALA C 219 -27.24 27.87 -10.02
N MET C 220 -27.56 27.25 -8.88
CA MET C 220 -26.66 27.23 -7.74
C MET C 220 -25.27 26.76 -8.16
N SER C 221 -25.19 25.63 -8.86
CA SER C 221 -23.92 25.10 -9.32
C SER C 221 -23.14 26.14 -10.12
N ALA C 222 -23.76 26.69 -11.16
CA ALA C 222 -23.11 27.74 -11.96
C ALA C 222 -22.87 29.02 -11.17
N ALA C 223 -23.62 29.24 -10.08
CA ALA C 223 -23.38 30.43 -9.26
C ALA C 223 -22.20 30.23 -8.32
N ALA C 224 -22.03 29.01 -7.79
CA ALA C 224 -21.14 28.78 -6.65
C ALA C 224 -19.67 28.96 -7.04
N PHE C 225 -19.27 28.43 -8.18
CA PHE C 225 -17.87 28.43 -8.60
C PHE C 225 -17.57 29.59 -9.53
N ASP C 226 -16.34 30.11 -9.44
CA ASP C 226 -15.87 31.08 -10.41
C ASP C 226 -15.78 30.42 -11.78
N ARG C 227 -16.51 30.98 -12.75
CA ARG C 227 -16.65 30.30 -14.04
C ARG C 227 -15.33 30.21 -14.80
N ASN C 228 -14.48 31.23 -14.68
CA ASN C 228 -13.16 31.16 -15.30
C ASN C 228 -12.37 30.00 -14.72
N TRP C 229 -12.35 29.89 -13.39
CA TRP C 229 -11.67 28.79 -12.73
C TRP C 229 -12.14 27.43 -13.24
N VAL C 230 -13.39 27.34 -13.67
CA VAL C 230 -13.98 26.08 -14.10
C VAL C 230 -13.65 25.76 -15.55
N ALA C 231 -13.88 26.72 -16.46
CA ALA C 231 -13.45 26.54 -17.84
C ALA C 231 -11.95 26.33 -17.93
N GLY C 232 -11.20 26.82 -16.94
CA GLY C 232 -9.77 26.72 -16.92
C GLY C 232 -9.22 25.46 -16.30
N LEU C 233 -10.03 24.41 -16.13
CA LEU C 233 -9.52 23.15 -15.60
C LEU C 233 -9.02 22.21 -16.69
N VAL C 234 -9.59 22.26 -17.89
CA VAL C 234 -9.00 21.56 -19.02
C VAL C 234 -8.04 22.45 -19.80
N GLY C 235 -8.26 23.76 -19.82
CA GLY C 235 -7.42 24.68 -20.58
C GLY C 235 -7.04 25.96 -19.85
N HIS D 8 18.29 14.59 32.97
CA HIS D 8 17.21 14.16 32.10
C HIS D 8 15.87 14.86 32.43
N GLY D 9 15.82 15.53 33.59
CA GLY D 9 14.63 16.26 33.99
C GLY D 9 13.44 15.35 34.28
N GLY D 10 12.24 15.86 33.97
CA GLY D 10 11.02 15.10 34.10
C GLY D 10 10.53 14.58 32.75
N THR D 11 9.27 14.19 32.71
CA THR D 11 8.64 13.78 31.46
C THR D 11 7.46 14.68 31.13
N ILE D 12 7.60 15.42 30.03
CA ILE D 12 6.54 16.26 29.49
C ILE D 12 5.78 15.42 28.47
N LEU D 13 4.46 15.36 28.61
CA LEU D 13 3.63 14.64 27.66
C LEU D 13 2.55 15.60 27.17
N VAL D 14 2.53 15.93 25.88
CA VAL D 14 1.36 16.60 25.36
C VAL D 14 0.27 15.56 25.11
N VAL D 15 -0.96 15.93 25.45
CA VAL D 15 -2.16 15.14 25.21
C VAL D 15 -2.94 15.87 24.14
N THR D 16 -2.99 15.32 22.94
CA THR D 16 -3.79 15.96 21.90
C THR D 16 -4.87 15.00 21.43
N GLY D 17 -5.71 15.47 20.53
CA GLY D 17 -6.78 14.66 20.00
C GLY D 17 -7.01 14.94 18.53
N THR D 18 -7.84 14.08 17.93
CA THR D 18 -8.20 14.19 16.53
C THR D 18 -9.22 15.28 16.27
N GLY D 19 -9.86 15.79 17.31
CA GLY D 19 -10.80 16.88 17.11
C GLY D 19 -11.26 17.43 18.44
N THR D 20 -12.24 18.31 18.37
CA THR D 20 -12.84 18.83 19.59
C THR D 20 -13.75 17.77 20.19
N GLY D 21 -13.83 17.76 21.52
CA GLY D 21 -14.76 16.92 22.25
C GLY D 21 -14.54 15.42 22.16
N VAL D 22 -13.29 14.96 22.21
CA VAL D 22 -12.99 13.54 22.11
C VAL D 22 -12.49 12.97 23.43
N GLY D 23 -12.54 13.75 24.50
CA GLY D 23 -12.14 13.29 25.81
C GLY D 23 -10.73 13.63 26.26
N LYS D 24 -10.06 14.58 25.62
CA LYS D 24 -8.68 14.92 26.03
C LYS D 24 -8.60 15.21 27.52
N THR D 25 -9.61 15.88 28.07
CA THR D 25 -9.51 16.26 29.48
C THR D 25 -9.71 15.05 30.40
N VAL D 26 -10.72 14.21 30.13
CA VAL D 26 -10.90 13.04 30.98
C VAL D 26 -9.72 12.09 30.84
N VAL D 27 -9.13 11.99 29.64
CA VAL D 27 -7.94 11.16 29.48
C VAL D 27 -6.76 11.75 30.27
N CYS D 28 -6.57 13.08 30.24
CA CYS D 28 -5.59 13.67 31.14
C CYS D 28 -5.88 13.26 32.57
N ALA D 29 -7.14 13.47 33.00
CA ALA D 29 -7.52 13.18 34.37
C ALA D 29 -7.38 11.70 34.69
N ALA D 30 -7.82 10.84 33.78
CA ALA D 30 -7.64 9.40 33.96
C ALA D 30 -6.16 9.04 34.11
N LEU D 31 -5.31 9.54 33.19
CA LEU D 31 -3.89 9.20 33.25
C LEU D 31 -3.21 9.81 34.46
N ALA D 32 -3.55 11.05 34.80
CA ALA D 32 -2.94 11.65 35.98
C ALA D 32 -3.29 10.83 37.22
N SER D 33 -4.55 10.43 37.35
CA SER D 33 -4.96 9.54 38.45
C SER D 33 -4.10 8.27 38.48
N ALA D 34 -4.03 7.56 37.36
CA ALA D 34 -3.27 6.31 37.34
C ALA D 34 -1.80 6.53 37.68
N ALA D 35 -1.18 7.56 37.10
CA ALA D 35 0.22 7.83 37.41
C ALA D 35 0.40 8.17 38.89
N ARG D 36 -0.55 8.91 39.45
CA ARG D 36 -0.49 9.23 40.88
C ARG D 36 -0.49 7.96 41.71
N GLN D 37 -1.47 7.08 41.48
CA GLN D 37 -1.56 5.83 42.23
C GLN D 37 -0.27 5.02 42.12
N ALA D 38 0.40 5.07 40.97
CA ALA D 38 1.71 4.42 40.82
C ALA D 38 2.82 5.18 41.52
N GLY D 39 2.48 6.24 42.25
CA GLY D 39 3.46 7.00 43.01
C GLY D 39 4.10 8.16 42.28
N ILE D 40 3.80 8.35 40.99
CA ILE D 40 4.42 9.41 40.22
C ILE D 40 3.82 10.75 40.61
N ASP D 41 4.65 11.79 40.64
CA ASP D 41 4.16 13.16 40.76
C ASP D 41 3.63 13.66 39.43
N VAL D 42 2.47 14.31 39.45
CA VAL D 42 1.75 14.68 38.25
C VAL D 42 1.48 16.17 38.26
N ALA D 43 1.59 16.81 37.10
CA ALA D 43 1.14 18.18 36.94
C ALA D 43 0.46 18.29 35.60
N VAL D 44 -0.54 19.17 35.51
CA VAL D 44 -1.33 19.33 34.28
C VAL D 44 -1.43 20.80 33.91
N CYS D 45 -1.27 21.09 32.61
CA CYS D 45 -1.17 22.45 32.11
C CYS D 45 -2.08 22.62 30.89
N LYS D 46 -3.11 23.46 31.03
CA LYS D 46 -3.89 23.92 29.89
C LYS D 46 -3.55 25.38 29.65
N PRO D 47 -2.66 25.70 28.72
CA PRO D 47 -2.23 27.10 28.59
C PRO D 47 -3.35 28.05 28.21
N VAL D 48 -4.33 27.59 27.43
CA VAL D 48 -5.42 28.45 27.01
C VAL D 48 -6.72 27.69 27.15
N GLN D 49 -7.65 28.28 27.90
CA GLN D 49 -9.01 27.78 28.07
C GLN D 49 -9.98 28.74 27.38
N THR D 50 -10.93 28.17 26.63
CA THR D 50 -12.04 28.89 26.05
C THR D 50 -13.35 28.43 26.68
N GLY D 51 -14.44 29.09 26.30
CA GLY D 51 -15.76 28.73 26.74
C GLY D 51 -16.05 28.95 28.20
N THR D 52 -15.42 29.96 28.81
CA THR D 52 -15.54 30.13 30.25
C THR D 52 -16.82 30.84 30.69
N ALA D 53 -17.72 31.23 29.79
CA ALA D 53 -19.03 31.67 30.27
C ALA D 53 -19.91 30.47 30.64
N ARG D 54 -19.96 29.45 29.78
CA ARG D 54 -20.64 28.20 30.07
C ARG D 54 -19.85 27.33 31.05
N GLY D 55 -18.94 27.93 31.82
CA GLY D 55 -18.27 27.22 32.89
C GLY D 55 -17.21 26.21 32.48
N ASP D 56 -16.72 26.28 31.25
CA ASP D 56 -15.66 25.36 30.85
C ASP D 56 -14.41 25.59 31.67
N ASP D 57 -13.94 24.54 32.32
CA ASP D 57 -12.74 24.61 33.15
C ASP D 57 -12.16 23.20 33.18
N ASP D 58 -11.31 22.87 32.20
CA ASP D 58 -10.75 21.53 32.12
C ASP D 58 -9.83 21.24 33.29
N LEU D 59 -9.03 22.23 33.72
CA LEU D 59 -8.14 21.99 34.85
C LEU D 59 -8.91 21.63 36.11
N ALA D 60 -10.08 22.25 36.31
CA ALA D 60 -10.87 21.90 37.47
C ALA D 60 -11.33 20.47 37.40
N GLU D 61 -11.55 19.97 36.18
CA GLU D 61 -11.99 18.60 36.01
C GLU D 61 -10.86 17.62 36.32
N VAL D 62 -9.62 18.01 36.03
CA VAL D 62 -8.50 17.15 36.41
C VAL D 62 -8.30 17.23 37.91
N GLY D 63 -8.52 18.41 38.49
CA GLY D 63 -8.38 18.56 39.93
C GLY D 63 -9.39 17.73 40.70
N ARG D 64 -10.68 17.92 40.37
CA ARG D 64 -11.74 17.11 40.99
C ARG D 64 -11.56 15.62 40.72
N LEU D 65 -11.40 15.24 39.45
CA LEU D 65 -11.37 13.81 39.14
C LEU D 65 -10.13 13.13 39.70
N ALA D 66 -8.99 13.81 39.65
CA ALA D 66 -7.74 13.11 39.88
C ALA D 66 -6.95 13.62 41.08
N GLY D 67 -7.38 14.69 41.73
CA GLY D 67 -6.64 15.16 42.89
C GLY D 67 -5.39 15.95 42.58
N VAL D 68 -5.17 16.32 41.31
CA VAL D 68 -4.00 17.11 40.97
C VAL D 68 -4.14 18.51 41.54
N THR D 69 -3.07 19.00 42.16
CA THR D 69 -3.02 20.39 42.60
C THR D 69 -2.12 21.26 41.75
N GLN D 70 -1.08 20.71 41.14
CA GLN D 70 -0.26 21.51 40.25
C GLN D 70 -1.00 21.63 38.92
N LEU D 71 -1.68 22.76 38.72
CA LEU D 71 -2.56 22.98 37.58
C LEU D 71 -2.31 24.39 37.08
N ALA D 72 -1.84 24.52 35.85
CA ALA D 72 -1.26 25.78 35.38
C ALA D 72 -1.95 26.22 34.11
N GLY D 73 -2.50 27.43 34.12
CA GLY D 73 -3.06 28.01 32.93
C GLY D 73 -2.60 29.44 32.73
N LEU D 74 -2.64 29.87 31.46
CA LEU D 74 -2.27 31.24 31.12
C LEU D 74 -3.46 32.14 30.81
N ALA D 75 -4.51 31.66 30.12
CA ALA D 75 -5.57 32.57 29.70
C ALA D 75 -6.91 31.85 29.61
N ARG D 76 -7.97 32.65 29.69
CA ARG D 76 -9.36 32.16 29.69
C ARG D 76 -10.20 33.07 28.82
N TYR D 77 -10.78 32.51 27.74
CA TYR D 77 -11.69 33.27 26.86
C TYR D 77 -13.15 32.85 27.07
N PRO D 78 -14.08 33.79 27.21
CA PRO D 78 -15.44 33.41 27.61
C PRO D 78 -16.21 32.68 26.54
N GLN D 79 -15.85 32.86 25.27
CA GLN D 79 -16.59 32.38 24.10
C GLN D 79 -16.30 30.91 23.85
N PRO D 80 -17.31 30.13 23.44
CA PRO D 80 -17.08 28.71 23.08
C PRO D 80 -16.58 28.58 21.65
N MET D 81 -15.33 28.96 21.44
CA MET D 81 -14.76 29.00 20.10
C MET D 81 -13.35 28.49 20.20
N ALA D 82 -12.74 28.26 19.03
CA ALA D 82 -11.33 27.93 18.98
C ALA D 82 -10.50 29.10 19.49
N PRO D 83 -9.46 28.84 20.27
CA PRO D 83 -8.63 29.91 20.85
C PRO D 83 -8.43 31.15 20.00
N ALA D 84 -7.73 31.03 18.87
CA ALA D 84 -7.42 32.22 18.08
C ALA D 84 -8.67 33.01 17.71
N ALA D 85 -9.82 32.35 17.69
CA ALA D 85 -11.03 33.03 17.30
C ALA D 85 -11.70 33.68 18.50
N ALA D 86 -11.67 32.98 19.65
CA ALA D 86 -12.18 33.56 20.89
C ALA D 86 -11.40 34.79 21.28
N ALA D 87 -10.09 34.77 21.02
CA ALA D 87 -9.26 35.95 21.27
C ALA D 87 -9.68 37.10 20.36
N GLU D 88 -9.84 36.84 19.06
CA GLU D 88 -10.26 37.89 18.15
C GLU D 88 -11.60 38.47 18.57
N HIS D 89 -12.53 37.60 18.97
CA HIS D 89 -13.84 38.03 19.44
C HIS D 89 -13.77 38.85 20.72
N ALA D 90 -12.66 38.76 21.45
CA ALA D 90 -12.50 39.47 22.71
C ALA D 90 -11.62 40.71 22.56
N GLY D 91 -11.05 40.93 21.40
CA GLY D 91 -10.21 42.09 21.23
C GLY D 91 -8.94 41.98 22.05
N MET D 92 -8.65 40.77 22.53
CA MET D 92 -7.43 40.48 23.27
C MET D 92 -6.68 39.32 22.63
N ALA D 93 -5.36 39.38 22.71
CA ALA D 93 -4.51 38.45 21.98
C ALA D 93 -4.18 37.21 22.81
N LEU D 94 -3.89 36.12 22.12
CA LEU D 94 -3.45 34.92 22.79
C LEU D 94 -2.11 35.18 23.47
N PRO D 95 -1.70 34.30 24.38
CA PRO D 95 -0.34 34.41 24.94
C PRO D 95 0.75 34.23 23.88
N ALA D 96 1.94 34.70 24.21
CA ALA D 96 3.05 34.55 23.29
C ALA D 96 3.59 33.12 23.32
N ARG D 97 4.32 32.74 22.28
CA ARG D 97 4.95 31.43 22.26
C ARG D 97 5.79 31.20 23.51
N ASP D 98 6.54 32.23 23.93
CA ASP D 98 7.52 32.07 25.01
C ASP D 98 6.85 31.71 26.33
N GLN D 99 5.71 32.31 26.61
CA GLN D 99 4.99 32.04 27.87
C GLN D 99 4.60 30.59 27.97
N ILE D 100 4.04 30.04 26.90
CA ILE D 100 3.56 28.67 26.94
C ILE D 100 4.69 27.70 27.17
N VAL D 101 5.83 27.90 26.50
CA VAL D 101 6.90 26.91 26.65
C VAL D 101 7.64 27.11 27.96
N ARG D 102 7.93 28.37 28.32
CA ARG D 102 8.59 28.61 29.60
C ARG D 102 7.73 28.18 30.76
N LEU D 103 6.42 28.42 30.70
CA LEU D 103 5.53 27.95 31.76
C LEU D 103 5.61 26.44 31.89
N ILE D 104 5.38 25.73 30.77
CA ILE D 104 5.49 24.27 30.76
C ILE D 104 6.88 23.83 31.21
N ALA D 105 7.93 24.51 30.73
CA ALA D 105 9.28 24.06 31.09
C ALA D 105 9.53 24.20 32.59
N ASP D 106 9.00 25.26 33.21
CA ASP D 106 9.13 25.43 34.65
C ASP D 106 8.25 24.49 35.46
N LEU D 107 7.23 23.88 34.84
CA LEU D 107 6.51 22.83 35.53
C LEU D 107 7.33 21.56 35.62
N ASP D 108 8.26 21.38 34.67
CA ASP D 108 9.01 20.13 34.58
C ASP D 108 10.02 20.07 35.69
N ARG D 109 10.10 18.91 36.35
CA ARG D 109 11.10 18.65 37.37
C ARG D 109 11.38 17.16 37.43
N PRO D 110 12.52 16.75 37.98
CA PRO D 110 12.80 15.32 38.12
C PRO D 110 11.67 14.59 38.84
N GLY D 111 11.33 13.41 38.32
CA GLY D 111 10.31 12.58 38.91
C GLY D 111 8.90 12.99 38.61
N ARG D 112 8.67 14.00 37.77
CA ARG D 112 7.31 14.50 37.53
C ARG D 112 6.86 14.20 36.11
N LEU D 113 5.64 13.67 35.99
CA LEU D 113 4.94 13.60 34.71
C LEU D 113 4.13 14.88 34.56
N THR D 114 4.54 15.72 33.61
CA THR D 114 3.79 16.92 33.22
C THR D 114 3.01 16.64 31.95
N LEU D 115 1.68 16.72 32.03
CA LEU D 115 0.79 16.62 30.88
C LEU D 115 0.36 18.00 30.38
N VAL D 116 0.41 18.22 29.06
CA VAL D 116 -0.07 19.45 28.43
C VAL D 116 -1.31 19.15 27.61
N GLU D 117 -2.35 19.97 27.77
CA GLU D 117 -3.54 19.88 26.95
C GLU D 117 -3.65 21.14 26.10
N GLY D 118 -3.86 20.96 24.80
CA GLY D 118 -4.11 22.07 23.92
C GLY D 118 -5.58 22.40 23.88
N ALA D 119 -6.05 22.82 22.72
CA ALA D 119 -7.46 23.08 22.55
C ALA D 119 -7.89 22.50 21.21
N GLY D 120 -8.80 21.53 21.27
CA GLY D 120 -9.27 20.88 20.07
C GLY D 120 -8.24 19.96 19.43
N GLY D 121 -7.72 20.35 18.27
CA GLY D 121 -6.82 19.52 17.51
C GLY D 121 -5.34 19.92 17.59
N LEU D 122 -4.50 19.01 17.09
CA LEU D 122 -3.04 19.16 17.16
C LEU D 122 -2.55 20.46 16.52
N LEU D 123 -3.11 20.83 15.37
CA LEU D 123 -2.71 22.04 14.66
C LEU D 123 -3.55 23.29 15.00
N VAL D 124 -4.41 23.24 16.02
CA VAL D 124 -5.09 24.44 16.45
C VAL D 124 -4.06 25.46 16.95
N GLU D 125 -4.23 26.72 16.56
CA GLU D 125 -3.30 27.77 16.95
C GLU D 125 -3.44 28.08 18.43
N LEU D 126 -2.37 27.85 19.20
CA LEU D 126 -2.38 28.12 20.63
C LEU D 126 -1.85 29.49 20.97
N ALA D 127 -0.81 29.92 20.28
CA ALA D 127 -0.16 31.17 20.61
C ALA D 127 0.03 32.01 19.36
N GLU D 128 0.09 33.30 19.56
CA GLU D 128 0.55 34.19 18.51
C GLU D 128 2.06 34.04 18.39
N PRO D 129 2.60 33.85 17.19
CA PRO D 129 1.91 33.78 15.90
C PRO D 129 1.75 32.36 15.32
N GLY D 130 0.52 31.90 15.15
CA GLY D 130 0.28 30.59 14.57
C GLY D 130 0.89 29.43 15.33
N VAL D 131 1.48 29.65 16.51
CA VAL D 131 2.10 28.57 17.26
C VAL D 131 1.07 27.50 17.56
N THR D 132 1.45 26.23 17.40
CA THR D 132 0.56 25.13 17.70
C THR D 132 1.15 24.28 18.82
N LEU D 133 0.34 23.31 19.24
CA LEU D 133 0.79 22.37 20.25
C LEU D 133 1.91 21.48 19.72
N ARG D 134 1.93 21.21 18.42
CA ARG D 134 3.05 20.50 17.81
C ARG D 134 4.34 21.30 17.95
N ASP D 135 4.30 22.58 17.55
CA ASP D 135 5.39 23.51 17.84
C ASP D 135 5.84 23.40 19.29
N VAL D 136 4.89 23.42 20.23
CA VAL D 136 5.24 23.39 21.65
C VAL D 136 5.89 22.07 22.02
N ALA D 137 5.46 20.97 21.40
CA ALA D 137 6.03 19.68 21.78
C ALA D 137 7.48 19.56 21.30
N VAL D 138 7.80 20.13 20.13
CA VAL D 138 9.20 20.17 19.72
C VAL D 138 10.03 20.93 20.74
N ASP D 139 9.59 22.13 21.12
CA ASP D 139 10.45 23.07 21.83
C ASP D 139 10.77 22.62 23.24
N VAL D 140 9.83 21.91 23.89
CA VAL D 140 10.08 21.32 25.19
C VAL D 140 10.35 19.83 25.07
N ALA D 141 10.36 19.31 23.86
CA ALA D 141 10.82 17.95 23.59
C ALA D 141 9.89 16.92 24.21
N ALA D 142 8.58 17.21 24.20
CA ALA D 142 7.55 16.31 24.70
C ALA D 142 7.08 15.35 23.61
N ALA D 143 6.73 14.15 24.04
CA ALA D 143 5.98 13.23 23.19
C ALA D 143 4.48 13.55 23.24
N ALA D 144 3.73 12.94 22.32
CA ALA D 144 2.32 13.22 22.11
C ALA D 144 1.47 11.98 22.34
N LEU D 145 0.47 12.12 23.20
CA LEU D 145 -0.55 11.10 23.43
C LEU D 145 -1.80 11.56 22.69
N VAL D 146 -2.25 10.77 21.71
CA VAL D 146 -3.37 11.13 20.83
C VAL D 146 -4.64 10.46 21.32
N VAL D 147 -5.67 11.28 21.54
CA VAL D 147 -6.97 10.79 21.99
C VAL D 147 -7.90 10.72 20.80
N VAL D 148 -8.49 9.55 20.57
CA VAL D 148 -9.28 9.26 19.38
C VAL D 148 -10.68 8.81 19.80
N THR D 149 -11.63 8.94 18.87
CA THR D 149 -12.95 8.32 19.03
C THR D 149 -12.92 6.91 18.49
N ALA D 150 -14.03 6.19 18.71
CA ALA D 150 -14.28 4.91 18.06
C ALA D 150 -15.30 5.01 16.96
N ASP D 151 -15.81 6.20 16.69
CA ASP D 151 -16.80 6.42 15.64
C ASP D 151 -16.18 6.26 14.26
N LEU D 152 -17.01 6.45 13.25
CA LEU D 152 -16.57 6.39 11.87
C LEU D 152 -15.74 7.62 11.54
N GLY D 153 -14.70 7.41 10.74
CA GLY D 153 -13.79 8.48 10.41
C GLY D 153 -12.64 8.61 11.38
N THR D 154 -12.65 7.87 12.49
CA THR D 154 -11.54 7.94 13.44
C THR D 154 -10.24 7.53 12.80
N LEU D 155 -10.29 6.61 11.84
CA LEU D 155 -9.05 6.03 11.33
C LEU D 155 -8.33 6.99 10.41
N ASN D 156 -9.10 7.77 9.63
CA ASN D 156 -8.52 8.81 8.80
C ASN D 156 -7.89 9.90 9.66
N HIS D 157 -8.68 10.44 10.60
CA HIS D 157 -8.21 11.46 11.54
C HIS D 157 -6.97 11.03 12.33
N THR D 158 -6.92 9.79 12.81
CA THR D 158 -5.73 9.34 13.53
C THR D 158 -4.51 9.36 12.61
N LYS D 159 -4.62 8.69 11.45
CA LYS D 159 -3.52 8.67 10.50
C LYS D 159 -3.01 10.08 10.22
N LEU D 160 -3.92 10.98 9.83
CA LEU D 160 -3.52 12.35 9.53
C LEU D 160 -2.85 13.04 10.71
N THR D 161 -3.24 12.71 11.94
CA THR D 161 -2.62 13.36 13.09
C THR D 161 -1.25 12.77 13.39
N LEU D 162 -1.12 11.43 13.29
CA LEU D 162 0.19 10.79 13.46
C LEU D 162 1.16 11.24 12.37
N GLU D 163 0.66 11.41 11.15
CA GLU D 163 1.53 11.91 10.10
C GLU D 163 2.00 13.32 10.42
N ALA D 164 1.10 14.17 10.93
CA ALA D 164 1.49 15.52 11.31
C ALA D 164 2.55 15.50 12.40
N LEU D 165 2.42 14.58 13.36
CA LEU D 165 3.42 14.44 14.42
C LEU D 165 4.75 13.95 13.85
N ALA D 166 4.72 12.91 13.02
CA ALA D 166 5.96 12.36 12.47
C ALA D 166 6.66 13.36 11.57
N ALA D 167 5.92 14.30 10.98
CA ALA D 167 6.54 15.24 10.07
C ALA D 167 7.50 16.19 10.80
N GLN D 168 7.25 16.45 12.09
CA GLN D 168 8.14 17.29 12.90
C GLN D 168 8.83 16.48 14.00
N GLN D 169 9.02 15.18 13.76
CA GLN D 169 9.81 14.29 14.63
C GLN D 169 9.37 14.41 16.09
N VAL D 170 8.06 14.30 16.29
CA VAL D 170 7.46 14.34 17.63
C VAL D 170 6.95 12.93 17.89
N SER D 171 7.62 12.24 18.80
CA SER D 171 7.29 10.84 19.05
C SER D 171 5.87 10.71 19.54
N CYS D 172 5.20 9.63 19.11
CA CYS D 172 3.83 9.36 19.55
C CYS D 172 3.88 8.42 20.75
N ALA D 173 3.47 8.91 21.91
CA ALA D 173 3.46 8.04 23.08
C ALA D 173 2.34 7.00 23.06
N GLY D 174 1.39 7.08 22.11
CA GLY D 174 0.38 6.07 21.95
C GLY D 174 -0.99 6.66 21.67
N LEU D 175 -1.99 5.78 21.69
CA LEU D 175 -3.38 6.15 21.49
C LEU D 175 -4.16 5.85 22.76
N VAL D 176 -5.15 6.69 23.04
CA VAL D 176 -6.16 6.42 24.04
C VAL D 176 -7.51 6.74 23.42
N ILE D 177 -8.41 5.75 23.38
CA ILE D 177 -9.78 6.02 22.97
C ILE D 177 -10.49 6.78 24.08
N GLY D 178 -11.13 7.89 23.72
CA GLY D 178 -11.73 8.77 24.70
C GLY D 178 -12.97 8.23 25.38
N SER D 179 -13.70 7.33 24.71
CA SER D 179 -14.97 6.82 25.22
C SER D 179 -15.25 5.46 24.58
N TRP D 180 -15.16 4.39 25.38
CA TRP D 180 -15.26 3.01 24.90
C TRP D 180 -16.62 2.42 25.24
N PRO D 181 -17.50 2.19 24.27
CA PRO D 181 -18.89 1.88 24.60
C PRO D 181 -19.07 0.47 25.17
N ASP D 182 -20.17 0.32 25.92
CA ASP D 182 -20.62 -0.98 26.39
C ASP D 182 -22.13 -1.09 26.20
N PRO D 183 -22.60 -2.01 25.34
CA PRO D 183 -21.73 -2.94 24.61
C PRO D 183 -21.09 -2.32 23.36
N PRO D 184 -19.92 -2.82 22.97
CA PRO D 184 -19.21 -2.26 21.80
C PRO D 184 -19.99 -2.43 20.50
N GLY D 185 -20.41 -1.31 19.91
CA GLY D 185 -21.18 -1.35 18.68
C GLY D 185 -20.46 -1.99 17.51
N LEU D 186 -21.11 -2.00 16.34
CA LEU D 186 -20.53 -2.69 15.18
C LEU D 186 -19.30 -1.96 14.65
N VAL D 187 -19.43 -0.65 14.41
CA VAL D 187 -18.30 0.12 13.91
C VAL D 187 -17.21 0.22 14.97
N ALA D 188 -17.60 0.44 16.23
CA ALA D 188 -16.63 0.72 17.27
C ALA D 188 -15.63 -0.42 17.44
N ALA D 189 -16.12 -1.65 17.59
CA ALA D 189 -15.22 -2.78 17.85
C ALA D 189 -14.31 -3.05 16.66
N SER D 190 -14.74 -2.69 15.45
CA SER D 190 -13.86 -2.76 14.29
C SER D 190 -12.78 -1.69 14.37
N ASN D 191 -13.17 -0.48 14.77
CA ASN D 191 -12.22 0.62 14.90
C ASN D 191 -11.13 0.31 15.93
N ARG D 192 -11.51 -0.18 17.12
CA ARG D 192 -10.51 -0.48 18.13
C ARG D 192 -9.52 -1.54 17.64
N SER D 193 -9.97 -2.41 16.75
CA SER D 193 -9.04 -3.37 16.17
C SER D 193 -8.10 -2.68 15.20
N ALA D 194 -8.67 -1.84 14.31
CA ALA D 194 -7.85 -1.16 13.32
C ALA D 194 -6.94 -0.13 13.97
N LEU D 195 -7.44 0.64 14.94
CA LEU D 195 -6.58 1.60 15.63
C LEU D 195 -5.37 0.92 16.27
N ALA D 196 -5.54 -0.32 16.74
CA ALA D 196 -4.43 -1.03 17.37
C ALA D 196 -3.35 -1.43 16.36
N ARG D 197 -3.73 -1.69 15.12
CA ARG D 197 -2.71 -1.94 14.10
C ARG D 197 -2.04 -0.65 13.64
N ILE D 198 -2.47 0.50 14.13
CA ILE D 198 -1.90 1.79 13.77
C ILE D 198 -0.92 2.29 14.83
N ALA D 199 -1.25 2.11 16.10
CA ALA D 199 -0.38 2.48 17.22
C ALA D 199 -0.84 1.75 18.46
N MET D 200 0.06 1.69 19.45
CA MET D 200 -0.29 1.11 20.73
C MET D 200 -1.52 1.81 21.32
N VAL D 201 -2.54 1.04 21.65
CA VAL D 201 -3.75 1.59 22.29
C VAL D 201 -3.51 1.60 23.79
N ARG D 202 -3.06 2.74 24.31
CA ARG D 202 -2.69 2.79 25.73
C ARG D 202 -3.87 2.53 26.65
N ALA D 203 -5.09 2.79 26.18
CA ALA D 203 -6.27 2.55 26.99
C ALA D 203 -7.50 2.89 26.18
N ALA D 204 -8.62 2.30 26.57
CA ALA D 204 -9.95 2.66 26.07
C ALA D 204 -10.74 3.10 27.27
N LEU D 205 -10.96 4.39 27.39
CA LEU D 205 -11.53 4.90 28.63
C LEU D 205 -12.99 4.49 28.74
N PRO D 206 -13.40 3.76 29.78
CA PRO D 206 -14.81 3.38 29.94
C PRO D 206 -15.73 4.58 29.78
N ALA D 207 -16.82 4.37 29.04
CA ALA D 207 -17.59 5.43 28.40
C ALA D 207 -18.30 6.37 29.37
N GLY D 208 -18.40 6.03 30.66
CA GLY D 208 -19.00 6.97 31.58
C GLY D 208 -18.00 7.63 32.52
N ALA D 209 -16.72 7.63 32.12
CA ALA D 209 -15.65 7.96 33.06
C ALA D 209 -15.76 9.36 33.61
N ALA D 210 -16.41 10.28 32.88
CA ALA D 210 -16.34 11.69 33.23
C ALA D 210 -17.13 12.02 34.48
N SER D 211 -18.28 11.38 34.67
CA SER D 211 -19.15 11.69 35.80
C SER D 211 -18.92 10.81 37.01
N LEU D 212 -18.04 9.81 36.91
CA LEU D 212 -17.71 8.99 38.07
C LEU D 212 -17.18 9.85 39.21
N ASP D 213 -17.36 9.39 40.44
CA ASP D 213 -16.74 10.08 41.55
C ASP D 213 -15.25 9.72 41.58
N ALA D 214 -14.51 10.41 42.45
CA ALA D 214 -13.05 10.30 42.44
C ALA D 214 -12.57 8.90 42.81
N GLY D 215 -13.40 8.11 43.50
CA GLY D 215 -13.04 6.74 43.83
C GLY D 215 -13.23 5.80 42.66
N ASP D 216 -14.45 5.77 42.10
CA ASP D 216 -14.68 5.01 40.88
C ASP D 216 -13.75 5.46 39.76
N PHE D 217 -13.38 6.73 39.75
CA PHE D 217 -12.50 7.25 38.72
C PHE D 217 -11.09 6.66 38.86
N ALA D 218 -10.50 6.75 40.05
CA ALA D 218 -9.16 6.22 40.26
C ALA D 218 -9.14 4.71 40.03
N ALA D 219 -10.22 4.01 40.41
CA ALA D 219 -10.31 2.57 40.19
C ALA D 219 -10.24 2.24 38.70
N MET D 220 -11.13 2.86 37.92
CA MET D 220 -11.11 2.72 36.46
C MET D 220 -9.75 3.10 35.89
N SER D 221 -9.13 4.14 36.44
CA SER D 221 -7.93 4.70 35.84
C SER D 221 -6.74 3.79 36.06
N ALA D 222 -6.65 3.15 37.22
CA ALA D 222 -5.55 2.23 37.46
C ALA D 222 -5.70 0.95 36.64
N ALA D 223 -6.92 0.62 36.25
CA ALA D 223 -7.17 -0.53 35.39
C ALA D 223 -7.07 -0.16 33.92
N ALA D 224 -7.49 1.06 33.56
CA ALA D 224 -7.47 1.48 32.15
C ALA D 224 -6.07 1.37 31.56
N PHE D 225 -5.04 1.56 32.37
CA PHE D 225 -3.68 1.69 31.88
C PHE D 225 -2.80 0.55 32.39
N ASP D 226 -1.73 0.30 31.65
CA ASP D 226 -0.76 -0.73 31.99
C ASP D 226 0.21 -0.14 33.01
N ARG D 227 0.08 -0.58 34.27
CA ARG D 227 0.87 -0.01 35.35
C ARG D 227 2.35 0.09 34.98
N ASN D 228 2.85 -0.89 34.21
CA ASN D 228 4.25 -0.85 33.79
C ASN D 228 4.50 0.27 32.79
N TRP D 229 3.58 0.47 31.84
CA TRP D 229 3.73 1.57 30.90
C TRP D 229 3.73 2.91 31.61
N VAL D 230 2.76 3.11 32.51
CA VAL D 230 2.67 4.35 33.30
C VAL D 230 3.96 4.59 34.04
N ALA D 231 4.37 3.64 34.89
CA ALA D 231 5.60 3.80 35.68
C ALA D 231 6.79 4.16 34.79
N GLY D 232 6.88 3.53 33.61
CA GLY D 232 7.96 3.75 32.68
C GLY D 232 7.81 5.02 31.85
N LEU D 233 6.96 5.95 32.30
CA LEU D 233 7.01 7.32 31.81
C LEU D 233 7.97 8.16 32.62
N VAL D 234 8.14 7.79 33.90
CA VAL D 234 9.03 8.40 34.90
C VAL D 234 8.97 9.92 34.81
PG ATP E . 23.54 -10.75 -9.05
O1G ATP E . 24.66 -9.73 -9.02
O2G ATP E . 22.63 -10.72 -7.83
O3G ATP E . 24.00 -12.17 -9.32
PB ATP E . 22.20 -8.82 -10.75
O1B ATP E . 22.78 -7.79 -9.81
O2B ATP E . 20.69 -8.82 -10.96
O3B ATP E . 22.69 -10.34 -10.37
PA ATP E . 24.23 -7.79 -12.30
O1A ATP E . 24.98 -8.08 -11.02
O2A ATP E . 23.98 -6.33 -12.73
O3A ATP E . 22.81 -8.52 -12.19
O5' ATP E . 24.93 -8.77 -13.39
C5' ATP E . 24.12 -9.48 -14.35
C4' ATP E . 23.89 -10.98 -14.04
O4' ATP E . 24.02 -11.80 -15.21
C3' ATP E . 24.77 -11.65 -12.99
O3' ATP E . 24.26 -11.46 -11.69
C2' ATP E . 24.60 -13.13 -13.31
O2' ATP E . 23.56 -13.70 -12.51
C1' ATP E . 24.16 -13.16 -14.77
N9 ATP E . 25.19 -13.90 -15.53
C8 ATP E . 24.90 -14.86 -16.45
N7 ATP E . 26.03 -15.39 -16.98
C5 ATP E . 27.06 -14.78 -16.37
C6 ATP E . 28.53 -14.90 -16.49
N6 ATP E . 29.07 -15.79 -17.36
N1 ATP E . 29.28 -14.11 -15.69
C2 ATP E . 28.72 -13.23 -14.83
N3 ATP E . 27.39 -13.06 -14.68
C4 ATP E . 26.52 -13.81 -15.41
MG MG F . 24.37 -8.04 -8.33
PG ATP G . 2.98 -20.94 -23.23
O1G ATP G . 2.22 -20.34 -22.05
O2G ATP G . 2.08 -21.30 -24.38
O3G ATP G . 4.20 -20.16 -23.69
PB ATP G . 4.88 -22.82 -21.96
O1B ATP G . 5.12 -22.15 -20.61
O2B ATP G . 4.75 -24.32 -22.00
O3B ATP G . 3.52 -22.39 -22.72
PA ATP G . 6.89 -23.13 -24.03
O1A ATP G . 7.01 -24.59 -23.65
O2A ATP G . 6.29 -22.71 -25.34
O3A ATP G . 6.09 -22.30 -22.89
O5' ATP G . 8.36 -22.49 -23.91
C5' ATP G . 9.45 -22.82 -24.75
C4' ATP G . 9.75 -21.63 -25.66
O4' ATP G . 10.87 -20.85 -25.21
C3' ATP G . 10.06 -22.16 -27.06
O3' ATP G . 9.28 -21.49 -28.05
C2' ATP G . 11.54 -21.87 -27.21
O2' ATP G . 12.02 -21.72 -28.56
C1' ATP G . 11.69 -20.61 -26.37
N9 ATP G . 13.12 -20.34 -26.08
C8 ATP G . 13.65 -19.12 -25.89
N7 ATP G . 14.99 -19.19 -25.67
C5 ATP G . 15.34 -20.49 -25.74
C6 ATP G . 16.60 -21.26 -25.61
N6 ATP G . 17.79 -20.67 -25.36
N1 ATP G . 16.55 -22.60 -25.74
C2 ATP G . 15.39 -23.24 -26.00
N3 ATP G . 14.22 -22.61 -26.13
C4 ATP G . 14.12 -21.26 -26.02
MG MG H . 0.17 -23.21 -23.59
PG ATP I . -20.02 10.39 1.05
O1G ATP I . -19.21 10.20 2.32
O2G ATP I . -21.51 10.15 1.23
O3G ATP I . -19.43 9.72 -0.17
PB ATP I . -19.90 13.02 2.05
O1B ATP I . -18.63 12.82 2.84
O2B ATP I . -20.16 14.42 1.59
O3B ATP I . -19.93 11.98 0.81
PA ATP I . -22.59 13.35 2.40
O1A ATP I . -22.59 14.70 3.09
O2A ATP I . -22.62 13.28 0.89
O3A ATP I . -21.24 12.58 2.83
O5' ATP I . -23.81 12.48 3.01
C5' ATP I . -24.65 13.03 4.04
C4' ATP I . -25.13 11.87 4.93
O4' ATP I . -25.03 12.14 6.34
C3' ATP I . -26.58 11.48 4.62
O3' ATP I . -26.61 10.45 3.62
C2' ATP I . -27.16 11.06 5.97
O2' ATP I . -27.27 9.63 6.04
C1' ATP I . -26.18 11.62 7.02
N9 ATP I . -26.80 12.71 7.83
C8 ATP I . -27.53 13.73 7.30
N7 ATP I . -27.96 14.58 8.28
C5 ATP I . -27.53 14.11 9.47
C6 ATP I . -27.65 14.53 10.89
N6 ATP I . -28.32 15.64 11.28
N1 ATP I . -27.04 13.75 11.84
C2 ATP I . -26.36 12.63 11.50
N3 ATP I . -26.22 12.20 10.22
C4 ATP I . -26.77 12.88 9.17
MG MG J . -20.44 10.78 -2.09
PG ATP K . -11.85 20.30 24.26
O1G ATP K . -11.05 20.46 25.54
O2G ATP K . -11.13 20.81 23.04
O3G ATP K . -13.26 20.80 24.40
PB ATP K . -11.64 17.49 24.88
O1B ATP K . -10.93 17.90 26.16
O2B ATP K . -10.92 16.53 23.96
O3B ATP K . -12.09 18.73 23.95
PA ATP K . -14.25 17.57 26.05
O1A ATP K . -13.67 18.20 27.28
O2A ATP K . -15.03 18.47 25.12
O3A ATP K . -13.08 16.81 25.22
O5' ATP K . -15.18 16.35 26.57
C5' ATP K . -16.58 16.24 26.23
C4' ATP K . -17.13 14.86 26.58
O4' ATP K . -18.46 14.98 27.08
C3' ATP K . -17.17 13.94 25.37
O3' ATP K . -16.28 12.82 25.53
C2' ATP K . -18.62 13.48 25.23
O2' ATP K . -18.73 12.05 25.25
C1' ATP K . -19.36 14.11 26.39
N9 ATP K . -20.45 14.96 25.86
C8 ATP K . -21.13 14.76 24.71
N7 ATP K . -22.06 15.73 24.53
C5 ATP K . -21.97 16.58 25.58
C6 ATP K . -22.67 17.82 26.02
N6 ATP K . -23.67 18.39 25.29
N1 ATP K . -22.28 18.38 27.18
C2 ATP K . -21.30 17.85 27.93
N3 ATP K . -20.63 16.73 27.60
C4 ATP K . -20.91 16.06 26.46
MG MG L . -11.50 19.21 27.80
#